data_4J6I
#
_entry.id   4J6I
#
_cell.length_a   143.671
_cell.length_b   67.161
_cell.length_c   106.655
_cell.angle_alpha   90.000
_cell.angle_beta   95.430
_cell.angle_gamma   90.000
#
_symmetry.space_group_name_H-M   'C 1 2 1'
#
loop_
_entity.id
_entity.type
_entity.pdbx_description
1 polymer 'Phosphatidylinositol 4,5-bisphosphate 3-kinase catalytic subunit gamma isoform'
2 non-polymer 2-methyl-1-(4-{2-[1-(2,2,2-trifluoroethyl)-1H-1,2,4-triazol-5-yl]-4,5-dihydro[1]benzoxepino[5,4-d][1,3]thiazol-8-yl}-1H-pyrazol-1-yl)propan-2-ol
#
_entity_poly.entity_id   1
_entity_poly.type   'polypeptide(L)'
_entity_poly.pdbx_seq_one_letter_code
;MSEESQAFQRQLTALIGYDVTDVSNVHDDELEFTRRGLVTPRMAEVASRDPKLYAMHPWVTSKPLPEYLWKKIANNCIFI
VIHRSTTSQTIKVSPDDTPGAILQSFFTKMAKKKSLMDIPESQSEQDFVLRVCGRDEYLVGETPIKNFQWVRHCLKNGEE
IHVVLDTPPDPALDEVRKEEWPLVDDCTGVTGYHEQLTIHGKDHESVFTVSLWDCDRKFRVKIRGIDIPVLPRNTDLTVF
VEANIQHGQQVLCQRRTSPKPFTEEVLWNVWLEFSIKIKDLPKGALLNLQIYCGKAPALSSKASAESPSSESKGKVQLLY
YVNLLLIDHRFLLRRGEYVLHMWQISGKGEDQGSFNADKLTSATNPDKENSMSISILLDNYCHPIALPKHQPTPDPEGDR
VRAEMPNQLRKQLEAIIATDPLNPLTAEDKELLWHFRYESLKHPKAYPKLFSSVKWGQQEIVAKTYQLLARREVWDQSAL
DVGLTMQLLDCNFSDENVRAIAVQKLESLEDDDVLHYLLQLVQAVKFEPYHDSALARFLLKRGLRNKRIGHFLFWFLRSE
IAQSRHYQQRFAVILEAYLRGCGTAMLHDFTQQVQVIEMLQKVTLDIKSLSAEKYDVSSQVISQLKQKLENLQNSQLPES
FRVPYDPGLKAGALAIEKCKVMASKKKPLWLEFKCADPTALSNETIGIIFKHGDDLRQDMLILQILRIMESIWETESLDL
CLLPYGCISTGDKIGMIEIVKDATTIAKIQQSTVGNTGAFKDEVLNHWLKEKSPTEEKFQAAVERFVYSCAGYCVATFVL
GIGDRHNDNIMITETGNLFHIDFGHILGNYKSFLGINKERVPFVLTPDFLFVMGTSGKKTSPHFQKFQDICVKAYLALRH
HTNLLIILFSMMLMTGMPQLTSKEDIEYIRDALTVGKNEEDAKKYFLDQIEVCRDKGWTVQFNWFLHLVLGIKQGEKHSA
HHHHHH
;
_entity_poly.pdbx_strand_id   A
#
loop_
_chem_comp.id
_chem_comp.type
_chem_comp.name
_chem_comp.formula
1JV non-polymer 2-methyl-1-(4-{2-[1-(2,2,2-trifluoroethyl)-1H-1,2,4-triazol-5-yl]-4,5-dihydro[1]benzoxepino[5,4-d][1,3]thiazol-8-yl}-1H-pyrazol-1-yl)propan-2-ol 'C22 H21 F3 N6 O2 S'
#
# COMPACT_ATOMS: atom_id res chain seq x y z
N MET A 1 -10.87 -5.73 35.32
CA MET A 1 -11.72 -5.77 34.14
C MET A 1 -13.20 -5.91 34.55
N SER A 2 -13.96 -4.83 34.37
CA SER A 2 -15.37 -4.83 34.76
C SER A 2 -16.24 -5.46 33.67
N GLU A 3 -17.54 -5.43 33.87
CA GLU A 3 -18.45 -6.08 32.93
C GLU A 3 -18.53 -5.24 31.66
N GLU A 4 -18.42 -3.93 31.82
CA GLU A 4 -18.40 -3.03 30.67
C GLU A 4 -16.98 -2.75 30.19
N SER A 5 -16.07 -3.66 30.49
CA SER A 5 -14.70 -3.67 29.95
C SER A 5 -14.46 -5.01 29.25
N GLN A 6 -15.55 -5.76 29.09
CA GLN A 6 -15.54 -7.08 28.46
C GLN A 6 -16.44 -6.99 27.20
N ALA A 7 -17.56 -6.26 27.27
CA ALA A 7 -18.43 -6.06 26.09
C ALA A 7 -17.77 -5.08 25.12
N PHE A 8 -16.62 -4.57 25.55
CA PHE A 8 -15.76 -3.65 24.80
C PHE A 8 -14.87 -4.48 23.91
N GLN A 9 -14.28 -5.52 24.48
CA GLN A 9 -13.47 -6.45 23.73
C GLN A 9 -14.28 -7.19 22.66
N ARG A 10 -15.57 -7.43 22.91
CA ARG A 10 -16.40 -8.03 21.88
C ARG A 10 -16.50 -6.98 20.76
N GLN A 11 -16.63 -5.68 21.11
CA GLN A 11 -16.72 -4.57 20.13
C GLN A 11 -15.39 -4.50 19.33
N LEU A 12 -14.26 -4.57 20.02
CA LEU A 12 -12.96 -4.54 19.33
C LEU A 12 -12.82 -5.73 18.38
N THR A 13 -13.27 -6.89 18.80
CA THR A 13 -13.16 -8.07 17.94
C THR A 13 -13.91 -7.99 16.63
N ALA A 14 -15.10 -7.42 16.70
CA ALA A 14 -15.93 -7.28 15.52
C ALA A 14 -15.45 -6.14 14.63
N LEU A 15 -14.67 -5.23 15.19
CA LEU A 15 -14.13 -4.13 14.41
C LEU A 15 -12.83 -4.51 13.69
N ILE A 16 -12.17 -5.55 14.21
CA ILE A 16 -10.88 -6.07 13.74
C ILE A 16 -11.06 -7.16 12.67
N GLY A 17 -12.06 -8.02 12.91
CA GLY A 17 -12.37 -9.18 12.09
C GLY A 17 -11.60 -10.40 12.52
N TYR A 18 -11.10 -10.31 13.76
CA TYR A 18 -10.33 -11.37 14.39
C TYR A 18 -10.23 -11.21 15.93
N ASP A 19 -10.24 -12.33 16.65
CA ASP A 19 -10.17 -12.34 18.13
C ASP A 19 -8.74 -12.46 18.70
N VAL A 20 -8.20 -11.32 19.19
CA VAL A 20 -6.82 -11.24 19.68
C VAL A 20 -6.59 -11.81 21.07
N THR A 21 -7.64 -12.35 21.66
CA THR A 21 -7.57 -12.99 22.95
C THR A 21 -7.61 -14.49 22.77
N ASP A 22 -7.81 -14.92 21.54
CA ASP A 22 -7.82 -16.32 21.21
C ASP A 22 -6.39 -16.86 21.27
N VAL A 23 -6.18 -17.76 22.22
CA VAL A 23 -4.86 -18.32 22.43
C VAL A 23 -4.74 -19.76 21.91
N SER A 24 -5.61 -20.10 20.98
CA SER A 24 -5.65 -21.44 20.40
C SER A 24 -4.47 -21.69 19.41
N ASN A 25 -3.98 -20.64 18.76
CA ASN A 25 -2.91 -20.81 17.78
C ASN A 25 -1.59 -20.15 18.23
N VAL A 26 -1.11 -20.52 19.40
CA VAL A 26 0.15 -20.01 19.89
C VAL A 26 0.90 -21.12 20.58
N HIS A 27 2.22 -20.99 20.57
CA HIS A 27 3.13 -21.88 21.28
C HIS A 27 4.02 -21.11 22.23
N ASP A 28 3.70 -19.83 22.40
CA ASP A 28 4.40 -19.01 23.37
C ASP A 28 3.47 -17.86 23.67
N ASP A 29 3.94 -16.79 24.31
CA ASP A 29 3.04 -15.69 24.68
C ASP A 29 3.50 -14.35 24.04
N GLU A 30 4.15 -14.42 22.87
CA GLU A 30 4.65 -13.21 22.20
C GLU A 30 3.55 -12.21 21.81
N LEU A 31 2.48 -12.72 21.23
CA LEU A 31 1.35 -11.90 20.83
C LEU A 31 0.82 -11.15 22.09
N GLU A 32 0.54 -11.88 23.16
CA GLU A 32 0.06 -11.27 24.43
C GLU A 32 1.12 -10.32 25.01
N PHE A 33 2.38 -10.69 24.87
CA PHE A 33 3.45 -9.83 25.38
C PHE A 33 3.43 -8.49 24.61
N THR A 34 3.14 -8.59 23.30
CA THR A 34 3.09 -7.40 22.47
C THR A 34 1.83 -6.54 22.78
N ARG A 35 0.70 -7.18 23.05
CA ARG A 35 -0.48 -6.40 23.44
C ARG A 35 -0.13 -5.54 24.67
N ARG A 36 0.59 -6.13 25.64
CA ARG A 36 0.96 -5.38 26.85
C ARG A 36 2.08 -4.40 26.50
N GLY A 37 3.01 -4.80 25.66
CA GLY A 37 4.09 -3.89 25.36
C GLY A 37 3.63 -2.62 24.63
N LEU A 38 2.48 -2.67 23.99
CA LEU A 38 1.99 -1.53 23.21
C LEU A 38 1.17 -0.56 24.03
N VAL A 39 0.78 -0.97 25.23
CA VAL A 39 -0.03 -0.09 26.10
C VAL A 39 0.69 1.26 26.33
N THR A 40 1.99 1.21 26.66
CA THR A 40 2.80 2.42 26.90
C THR A 40 2.84 3.38 25.65
N PRO A 41 3.26 2.89 24.45
CA PRO A 41 3.24 3.79 23.28
C PRO A 41 1.83 4.32 22.99
N ARG A 42 0.79 3.53 23.23
CA ARG A 42 -0.61 3.98 23.01
C ARG A 42 -0.97 5.10 23.91
N MET A 43 -0.71 4.93 25.20
CA MET A 43 -1.09 5.95 26.15
C MET A 43 -0.13 7.12 26.02
N ALA A 44 1.09 6.87 25.55
CA ALA A 44 2.02 7.97 25.42
C ALA A 44 1.68 8.97 24.31
N GLU A 45 0.96 8.50 23.30
CA GLU A 45 0.57 9.34 22.16
C GLU A 45 -0.81 9.90 22.40
N VAL A 46 -1.61 9.15 23.15
CA VAL A 46 -2.96 9.57 23.51
C VAL A 46 -2.80 10.75 24.47
N ALA A 47 -1.76 10.73 25.29
CA ALA A 47 -1.60 11.80 26.27
C ALA A 47 -0.88 13.04 25.75
N SER A 48 -0.09 12.92 24.69
CA SER A 48 0.70 14.07 24.23
C SER A 48 0.08 14.69 23.00
N ARG A 49 -1.10 14.23 22.60
CA ARG A 49 -1.71 14.81 21.40
C ARG A 49 -2.73 15.91 21.75
N ASP A 50 -2.68 17.02 21.01
CA ASP A 50 -3.61 18.16 21.21
C ASP A 50 -5.06 17.85 20.86
N PRO A 51 -5.93 17.85 21.88
CA PRO A 51 -7.33 17.50 21.70
C PRO A 51 -7.98 18.27 20.57
N LYS A 52 -7.66 19.56 20.49
CA LYS A 52 -8.27 20.44 19.49
C LYS A 52 -7.76 20.13 18.10
N LEU A 53 -6.44 20.13 17.88
CA LEU A 53 -5.93 19.83 16.53
C LEU A 53 -6.21 18.38 16.07
N TYR A 54 -6.32 17.48 17.04
CA TYR A 54 -6.61 16.09 16.78
C TYR A 54 -8.07 15.90 16.40
N ALA A 55 -8.93 16.74 16.94
CA ALA A 55 -10.32 16.55 16.63
C ALA A 55 -10.64 17.02 15.21
N MET A 56 -9.88 17.98 14.70
CA MET A 56 -10.11 18.55 13.37
C MET A 56 -9.19 18.05 12.26
N HIS A 57 -8.11 17.39 12.67
CA HIS A 57 -7.18 16.80 11.73
C HIS A 57 -6.85 17.59 10.46
N PRO A 58 -6.35 18.84 10.61
CA PRO A 58 -5.97 19.71 9.50
C PRO A 58 -5.04 18.94 8.57
N TRP A 59 -5.29 18.98 7.26
CA TRP A 59 -4.47 18.27 6.28
C TRP A 59 -3.52 19.27 5.65
N VAL A 60 -2.29 19.23 6.10
CA VAL A 60 -1.37 20.22 5.68
C VAL A 60 -0.12 19.61 5.05
N THR A 61 0.67 20.44 4.38
CA THR A 61 1.92 20.01 3.76
C THR A 61 2.95 21.14 3.93
N SER A 62 4.24 20.83 4.06
CA SER A 62 5.25 21.91 4.21
C SER A 62 6.03 22.12 2.91
N LYS A 63 5.72 21.33 1.90
CA LYS A 63 6.35 21.47 0.60
C LYS A 63 5.88 22.77 -0.06
N PRO A 64 6.76 23.38 -0.87
CA PRO A 64 6.49 24.59 -1.63
C PRO A 64 5.43 24.36 -2.67
N LEU A 65 4.56 25.33 -2.85
CA LEU A 65 3.51 25.25 -3.86
C LEU A 65 4.20 25.13 -5.25
N PRO A 66 3.90 24.07 -6.02
CA PRO A 66 4.44 23.75 -7.36
C PRO A 66 4.31 24.91 -8.36
N GLU A 67 5.02 24.86 -9.50
CA GLU A 67 4.95 25.95 -10.45
C GLU A 67 3.61 25.95 -11.14
N TYR A 68 3.13 24.76 -11.46
CA TYR A 68 1.88 24.62 -12.18
C TYR A 68 0.65 25.08 -11.42
N LEU A 69 0.81 25.35 -10.13
CA LEU A 69 -0.32 25.85 -9.37
C LEU A 69 -0.09 27.33 -9.16
N TRP A 70 1.18 27.76 -9.25
CA TRP A 70 1.49 29.18 -9.16
C TRP A 70 0.93 29.91 -10.35
N LYS A 71 1.06 29.31 -11.53
CA LYS A 71 0.57 30.00 -12.71
C LYS A 71 -0.96 30.00 -12.69
N LYS A 72 -1.60 29.27 -11.77
CA LYS A 72 -3.05 29.37 -11.76
C LYS A 72 -3.40 30.61 -10.91
N ILE A 73 -2.40 31.11 -10.17
CA ILE A 73 -2.55 32.30 -9.34
C ILE A 73 -1.86 33.41 -10.11
N ALA A 74 -2.51 34.05 -11.06
CA ALA A 74 -1.80 35.15 -11.74
C ALA A 74 -1.39 36.28 -10.77
N ASN A 75 -2.32 36.64 -9.88
CA ASN A 75 -2.27 37.74 -8.88
C ASN A 75 -1.39 37.83 -7.59
N ASN A 76 -1.18 36.72 -6.90
CA ASN A 76 -1.02 36.70 -5.45
C ASN A 76 -2.37 36.62 -4.76
N CYS A 77 -3.45 36.53 -5.54
CA CYS A 77 -4.80 36.65 -4.99
C CYS A 77 -5.73 35.39 -4.88
N ILE A 78 -5.79 34.67 -3.78
CA ILE A 78 -6.74 33.53 -3.72
C ILE A 78 -8.12 33.82 -3.14
N PHE A 79 -9.15 33.47 -3.90
CA PHE A 79 -10.52 33.70 -3.50
C PHE A 79 -11.08 32.58 -2.61
N ILE A 80 -11.82 32.96 -1.56
CA ILE A 80 -12.40 31.97 -0.64
C ILE A 80 -13.87 32.31 -0.30
N VAL A 81 -14.81 31.56 -0.85
CA VAL A 81 -16.23 31.81 -0.59
C VAL A 81 -16.68 31.29 0.78
N ILE A 82 -17.28 32.13 1.61
CA ILE A 82 -17.71 31.69 2.95
C ILE A 82 -19.23 31.71 3.09
N HIS A 83 -19.84 30.69 3.73
CA HIS A 83 -21.31 30.67 3.87
C HIS A 83 -21.88 30.54 5.29
N ARG A 84 -23.00 31.22 5.52
CA ARG A 84 -23.80 31.03 6.72
C ARG A 84 -25.28 30.90 6.39
N SER A 85 -25.87 29.76 6.70
CA SER A 85 -27.31 29.55 6.62
C SER A 85 -27.87 29.57 5.19
N THR A 86 -27.71 30.71 4.52
CA THR A 86 -28.20 30.86 3.15
C THR A 86 -27.23 31.65 2.27
N THR A 87 -27.12 32.94 2.56
CA THR A 87 -26.21 33.83 1.83
C THR A 87 -24.72 33.52 2.03
N SER A 88 -23.90 34.39 1.45
CA SER A 88 -22.47 34.23 1.45
C SER A 88 -21.68 35.39 0.85
N GLN A 89 -20.43 35.55 1.29
CA GLN A 89 -19.65 36.61 0.67
C GLN A 89 -18.27 36.06 0.43
N THR A 90 -17.73 36.51 -0.72
CA THR A 90 -16.45 36.07 -1.22
C THR A 90 -15.35 36.97 -0.69
N ILE A 91 -14.12 36.47 -0.64
CA ILE A 91 -13.02 37.28 -0.14
C ILE A 91 -11.70 37.05 -0.91
N LYS A 92 -10.95 38.13 -1.11
CA LYS A 92 -9.62 38.02 -1.70
C LYS A 92 -8.60 37.86 -0.60
N VAL A 93 -7.88 36.74 -0.65
CA VAL A 93 -6.90 36.34 0.37
C VAL A 93 -5.51 36.12 -0.29
N SER A 94 -4.46 36.42 0.48
CA SER A 94 -3.02 36.18 0.16
C SER A 94 -2.67 34.73 0.51
N PRO A 95 -1.97 34.04 -0.41
CA PRO A 95 -1.60 32.62 -0.31
C PRO A 95 -0.86 32.31 0.99
N ASP A 96 -0.37 33.38 1.60
CA ASP A 96 0.41 33.35 2.81
C ASP A 96 -0.49 33.65 3.99
N ASP A 97 -1.80 33.81 3.78
CA ASP A 97 -2.61 34.17 4.94
C ASP A 97 -3.09 32.98 5.77
N THR A 98 -2.94 33.09 7.10
CA THR A 98 -3.34 32.05 8.07
C THR A 98 -4.85 31.93 8.25
N PRO A 99 -5.35 30.75 8.73
CA PRO A 99 -6.77 30.72 9.03
C PRO A 99 -7.12 31.81 10.04
N GLY A 100 -6.20 32.08 10.96
CA GLY A 100 -6.43 33.15 11.90
C GLY A 100 -6.50 34.50 11.20
N ALA A 101 -5.56 34.76 10.28
CA ALA A 101 -5.59 36.02 9.52
C ALA A 101 -6.83 36.29 8.68
N ILE A 102 -7.26 35.30 7.91
CA ILE A 102 -8.47 35.44 7.09
C ILE A 102 -9.67 35.66 8.03
N LEU A 103 -9.69 34.99 9.17
CA LEU A 103 -10.76 35.13 10.17
C LEU A 103 -10.87 36.60 10.58
N GLN A 104 -9.79 37.18 11.05
CA GLN A 104 -9.84 38.58 11.44
C GLN A 104 -10.25 39.61 10.36
N SER A 105 -9.97 39.29 9.09
CA SER A 105 -10.36 40.11 7.93
C SER A 105 -11.79 39.90 7.45
N PHE A 106 -12.58 39.08 8.15
CA PHE A 106 -13.94 38.76 7.73
C PHE A 106 -14.79 39.55 8.73
N PHE A 107 -14.38 39.51 9.98
CA PHE A 107 -15.03 40.21 11.10
C PHE A 107 -14.87 41.74 10.90
N THR A 108 -13.74 42.08 10.28
CA THR A 108 -13.39 43.43 9.90
C THR A 108 -14.24 43.96 8.75
N GLU A 125 -17.16 34.60 20.50
CA GLU A 125 -17.34 35.26 19.21
C GLU A 125 -16.01 35.39 18.45
N GLN A 126 -14.94 34.82 19.02
CA GLN A 126 -13.64 34.71 18.34
C GLN A 126 -13.17 33.26 18.39
N ASP A 127 -14.13 32.36 18.47
CA ASP A 127 -13.88 30.93 18.52
C ASP A 127 -14.74 30.19 17.49
N PHE A 128 -14.48 30.50 16.22
CA PHE A 128 -15.13 29.85 15.09
C PHE A 128 -14.08 29.32 14.14
N VAL A 129 -14.44 28.27 13.40
CA VAL A 129 -13.50 27.64 12.49
C VAL A 129 -14.00 27.43 11.06
N LEU A 130 -13.08 27.29 10.11
CA LEU A 130 -13.43 27.14 8.71
C LEU A 130 -13.48 25.69 8.20
N ARG A 131 -14.67 25.11 8.16
CA ARG A 131 -14.86 23.79 7.58
C ARG A 131 -15.22 23.83 6.10
N VAL A 132 -14.76 22.83 5.37
CA VAL A 132 -15.07 22.77 3.95
C VAL A 132 -16.51 22.31 3.69
N CYS A 133 -17.23 22.91 2.75
CA CYS A 133 -18.65 22.55 2.53
C CYS A 133 -18.71 21.13 2.00
N GLY A 134 -19.55 20.40 2.71
CA GLY A 134 -19.92 19.04 2.41
C GLY A 134 -19.00 18.05 3.00
N ARG A 135 -17.84 18.55 3.43
CA ARG A 135 -16.81 17.72 3.98
C ARG A 135 -16.49 17.96 5.44
N ASP A 136 -15.92 16.93 6.04
CA ASP A 136 -15.34 17.01 7.36
C ASP A 136 -13.86 17.38 7.23
N GLU A 137 -13.55 18.50 6.57
CA GLU A 137 -12.16 18.88 6.41
C GLU A 137 -12.06 20.23 7.05
N TYR A 138 -10.95 20.55 7.72
CA TYR A 138 -10.89 21.83 8.44
C TYR A 138 -9.69 22.63 8.02
N LEU A 139 -9.89 23.94 7.81
CA LEU A 139 -8.80 24.86 7.52
C LEU A 139 -8.47 25.55 8.83
N VAL A 140 -7.75 24.85 9.69
CA VAL A 140 -7.42 25.28 11.04
C VAL A 140 -5.94 25.06 11.24
N GLY A 141 -5.37 25.85 12.14
CA GLY A 141 -3.99 25.69 12.52
C GLY A 141 -3.14 26.85 12.04
N GLU A 142 -1.99 26.99 12.66
CA GLU A 142 -1.10 28.06 12.31
C GLU A 142 -0.32 27.66 11.05
N THR A 143 -1.02 27.65 9.91
CA THR A 143 -0.39 27.30 8.62
C THR A 143 -0.94 28.18 7.48
N PRO A 144 -0.07 28.60 6.53
CA PRO A 144 -0.57 29.40 5.40
C PRO A 144 -1.69 28.66 4.66
N ILE A 145 -2.73 29.36 4.17
CA ILE A 145 -3.84 28.69 3.47
C ILE A 145 -3.28 27.95 2.26
N LYS A 146 -2.11 28.38 1.78
CA LYS A 146 -1.53 27.74 0.63
C LYS A 146 -0.96 26.39 1.02
N ASN A 147 -0.80 26.19 2.31
CA ASN A 147 -0.23 24.95 2.77
C ASN A 147 -1.32 23.96 3.23
N PHE A 148 -2.55 24.16 2.81
CA PHE A 148 -3.58 23.16 3.10
C PHE A 148 -3.86 22.31 1.87
N GLN A 149 -3.78 20.99 1.96
CA GLN A 149 -4.03 20.18 0.75
C GLN A 149 -5.36 20.44 0.10
N TRP A 150 -6.40 20.72 0.85
CA TRP A 150 -7.69 20.96 0.21
C TRP A 150 -7.67 22.16 -0.72
N VAL A 151 -6.95 23.19 -0.32
CA VAL A 151 -6.81 24.37 -1.13
C VAL A 151 -6.08 24.04 -2.44
N ARG A 152 -4.99 23.30 -2.32
CA ARG A 152 -4.17 22.86 -3.45
C ARG A 152 -4.95 21.96 -4.39
N HIS A 153 -5.92 21.24 -3.86
CA HIS A 153 -6.78 20.39 -4.67
C HIS A 153 -7.64 21.21 -5.59
N CYS A 154 -8.20 22.25 -5.01
CA CYS A 154 -9.11 23.16 -5.68
C CYS A 154 -8.40 23.88 -6.80
N LEU A 155 -7.25 24.44 -6.47
CA LEU A 155 -6.48 25.17 -7.46
C LEU A 155 -6.19 24.34 -8.74
N LYS A 156 -5.82 23.07 -8.61
CA LYS A 156 -5.53 22.27 -9.81
C LYS A 156 -6.59 21.96 -10.83
N ASN A 157 -7.70 21.49 -10.30
CA ASN A 157 -8.87 21.05 -11.01
C ASN A 157 -9.80 22.21 -11.37
N GLY A 158 -9.33 23.43 -11.11
CA GLY A 158 -10.11 24.63 -11.37
C GLY A 158 -11.37 24.83 -10.55
N GLU A 159 -11.41 24.13 -9.43
CA GLU A 159 -12.54 24.20 -8.50
C GLU A 159 -12.42 25.48 -7.64
N GLU A 160 -13.53 25.89 -7.03
CA GLU A 160 -13.64 27.09 -6.16
C GLU A 160 -13.58 26.84 -4.64
N ILE A 161 -12.80 27.60 -3.88
CA ILE A 161 -12.72 27.30 -2.42
C ILE A 161 -13.97 27.80 -1.69
N HIS A 162 -14.81 26.85 -1.27
CA HIS A 162 -16.03 27.12 -0.51
C HIS A 162 -15.93 26.59 0.91
N VAL A 163 -16.21 27.45 1.88
CA VAL A 163 -16.16 27.04 3.28
C VAL A 163 -17.35 27.47 4.15
N VAL A 164 -17.72 26.68 5.15
CA VAL A 164 -18.81 27.07 6.05
C VAL A 164 -18.22 27.48 7.39
N LEU A 165 -18.81 28.48 8.04
CA LEU A 165 -18.33 28.93 9.34
C LEU A 165 -19.18 28.32 10.47
N ASP A 166 -18.63 27.35 11.20
CA ASP A 166 -19.36 26.75 12.34
C ASP A 166 -18.37 26.50 13.50
N THR A 167 -18.85 25.83 14.54
CA THR A 167 -18.09 25.62 15.78
C THR A 167 -17.15 24.41 15.81
N PRO A 168 -15.93 24.58 16.40
CA PRO A 168 -15.09 23.38 16.49
C PRO A 168 -15.78 22.21 17.23
N PRO A 169 -15.60 20.99 16.74
CA PRO A 169 -16.13 19.75 17.31
C PRO A 169 -15.57 19.59 18.71
N ASP A 170 -16.36 18.99 19.61
CA ASP A 170 -15.93 18.84 20.99
C ASP A 170 -14.87 17.76 21.19
N PRO A 171 -13.65 18.16 21.61
CA PRO A 171 -12.53 17.24 21.88
C PRO A 171 -12.87 16.21 22.90
N ALA A 172 -13.98 16.39 23.59
CA ALA A 172 -14.44 15.44 24.59
C ALA A 172 -14.94 14.18 23.87
N LEU A 173 -15.43 14.35 22.64
CA LEU A 173 -15.92 13.21 21.85
C LEU A 173 -14.81 12.18 21.51
N ASP A 174 -13.54 12.61 21.65
CA ASP A 174 -12.33 11.80 21.36
C ASP A 174 -11.78 11.10 22.62
N GLU A 175 -12.44 11.35 23.74
CA GLU A 175 -12.05 10.83 25.05
C GLU A 175 -11.72 9.37 25.03
N VAL A 176 -10.70 8.95 25.76
CA VAL A 176 -10.46 7.53 25.68
C VAL A 176 -10.84 6.92 27.02
N ARG A 177 -11.56 5.79 26.97
CA ARG A 177 -12.00 5.06 28.17
C ARG A 177 -10.73 4.60 28.92
N LYS A 178 -10.75 4.53 30.24
CA LYS A 178 -9.54 4.17 31.02
C LYS A 178 -9.08 2.70 30.91
N GLU A 179 -7.78 2.48 31.18
CA GLU A 179 -7.16 1.17 30.94
C GLU A 179 -6.41 0.57 32.13
N GLU A 180 -5.84 -0.61 31.90
CA GLU A 180 -5.04 -1.31 32.91
C GLU A 180 -4.17 -2.43 32.30
N CYS A 215 28.03 -20.36 25.94
CA CYS A 215 27.87 -21.73 25.43
C CYS A 215 28.39 -21.85 24.00
N ASP A 216 29.44 -22.66 23.91
CA ASP A 216 30.20 -22.94 22.69
C ASP A 216 29.68 -24.20 22.02
N ARG A 217 28.64 -24.77 22.59
CA ARG A 217 28.09 -25.96 22.03
C ARG A 217 27.48 -25.67 20.66
N LYS A 218 27.53 -26.62 19.73
CA LYS A 218 26.81 -26.45 18.45
C LYS A 218 25.30 -26.68 18.62
N PHE A 219 24.56 -25.68 18.18
CA PHE A 219 23.12 -25.76 18.18
C PHE A 219 22.62 -26.97 17.47
N ARG A 220 21.56 -27.54 18.03
CA ARG A 220 21.00 -28.72 17.47
C ARG A 220 19.53 -28.83 17.78
N VAL A 221 18.80 -29.43 16.84
CA VAL A 221 17.39 -29.63 17.03
C VAL A 221 17.04 -31.06 16.70
N LYS A 222 16.22 -31.64 17.56
CA LYS A 222 15.78 -32.97 17.31
C LYS A 222 14.50 -32.92 16.54
N ILE A 223 14.48 -33.64 15.43
CA ILE A 223 13.30 -33.77 14.60
C ILE A 223 12.56 -35.06 14.97
N ARG A 224 11.54 -34.97 15.82
CA ARG A 224 10.74 -36.14 16.25
C ARG A 224 10.03 -36.78 15.05
N GLY A 225 9.31 -35.99 14.26
CA GLY A 225 8.65 -36.57 13.10
C GLY A 225 7.61 -35.64 12.53
N ILE A 226 6.95 -36.06 11.45
CA ILE A 226 5.93 -35.24 10.84
C ILE A 226 4.65 -36.00 10.76
N ASP A 227 3.54 -35.30 11.02
CA ASP A 227 2.26 -35.95 11.01
C ASP A 227 1.15 -35.26 10.19
N ILE A 228 0.40 -36.05 9.42
CA ILE A 228 -0.73 -35.52 8.66
C ILE A 228 -1.92 -36.46 8.54
N PRO A 229 -3.11 -35.99 8.95
CA PRO A 229 -4.35 -36.78 8.95
C PRO A 229 -4.60 -37.41 7.58
N VAL A 230 -4.51 -36.62 6.51
CA VAL A 230 -4.73 -37.18 5.20
C VAL A 230 -3.73 -36.63 4.18
N LEU A 231 -3.09 -37.57 3.49
CA LEU A 231 -2.06 -37.30 2.50
C LEU A 231 -2.32 -37.54 1.01
N PRO A 232 -3.29 -38.44 0.67
CA PRO A 232 -3.40 -38.74 -0.77
C PRO A 232 -3.44 -37.61 -1.79
N ARG A 233 -2.73 -37.92 -2.85
CA ARG A 233 -3.09 -37.82 -4.25
C ARG A 233 -2.19 -38.83 -4.95
N ASN A 234 -2.67 -39.40 -6.05
CA ASN A 234 -1.78 -40.19 -6.92
C ASN A 234 -1.03 -41.37 -6.30
N THR A 235 0.26 -41.37 -6.63
CA THR A 235 1.25 -42.43 -6.36
C THR A 235 2.06 -42.21 -5.08
N ASP A 236 3.08 -43.05 -4.85
CA ASP A 236 3.79 -42.95 -3.59
C ASP A 236 5.31 -42.67 -3.68
N LEU A 237 5.64 -41.51 -3.12
CA LEU A 237 6.95 -40.87 -3.00
C LEU A 237 7.71 -41.08 -1.71
N THR A 238 8.87 -40.44 -1.67
CA THR A 238 9.73 -40.43 -0.52
C THR A 238 9.76 -38.99 0.00
N VAL A 239 9.91 -38.84 1.33
CA VAL A 239 9.93 -37.51 1.95
C VAL A 239 11.04 -37.28 3.03
N PHE A 240 11.58 -36.06 3.11
CA PHE A 240 12.56 -35.67 4.14
C PHE A 240 12.30 -34.24 4.69
N VAL A 241 12.78 -33.98 5.91
CA VAL A 241 12.65 -32.70 6.57
C VAL A 241 13.92 -31.89 6.37
N GLU A 242 13.79 -30.63 5.95
CA GLU A 242 14.95 -29.74 5.76
C GLU A 242 14.90 -28.62 6.81
N ALA A 243 15.96 -28.51 7.60
CA ALA A 243 16.03 -27.51 8.64
C ALA A 243 17.07 -26.44 8.30
N ASN A 244 16.63 -25.19 8.19
CA ASN A 244 17.55 -24.12 7.89
C ASN A 244 17.66 -23.16 9.06
N ILE A 245 18.84 -22.59 9.26
CA ILE A 245 18.97 -21.54 10.22
C ILE A 245 19.05 -20.22 9.47
N GLN A 246 17.94 -19.47 9.38
CA GLN A 246 17.92 -18.25 8.54
C GLN A 246 18.12 -16.94 9.27
N HIS A 247 18.53 -15.90 8.53
CA HIS A 247 18.63 -14.53 9.06
C HIS A 247 18.67 -13.51 7.95
N GLY A 248 17.52 -12.93 7.60
CA GLY A 248 17.50 -11.97 6.53
C GLY A 248 17.72 -12.60 5.18
N GLN A 249 16.97 -13.65 4.90
CA GLN A 249 17.15 -14.39 3.65
C GLN A 249 18.55 -14.97 3.42
N GLN A 250 19.37 -15.01 4.46
CA GLN A 250 20.68 -15.64 4.42
C GLN A 250 20.64 -16.96 5.20
N VAL A 251 20.73 -18.10 4.53
CA VAL A 251 20.74 -19.35 5.30
C VAL A 251 22.14 -19.42 5.96
N LEU A 252 22.25 -19.53 7.29
CA LEU A 252 23.57 -19.57 7.91
C LEU A 252 24.10 -20.99 7.95
N CYS A 253 23.20 -21.93 8.18
CA CYS A 253 23.63 -23.29 8.15
C CYS A 253 22.39 -24.09 7.75
N GLN A 254 22.60 -25.28 7.21
CA GLN A 254 21.53 -26.14 6.67
C GLN A 254 21.74 -27.66 6.82
N ARG A 255 20.75 -28.30 7.43
CA ARG A 255 20.75 -29.75 7.66
C ARG A 255 19.48 -30.51 7.28
N ARG A 256 19.62 -31.67 6.63
CA ARG A 256 18.45 -32.50 6.26
C ARG A 256 18.38 -33.81 7.06
N THR A 257 17.27 -34.49 6.89
CA THR A 257 17.18 -35.79 7.51
C THR A 257 17.33 -36.77 6.39
N SER A 258 17.22 -38.03 6.75
CA SER A 258 17.28 -39.10 5.80
C SER A 258 15.90 -39.24 5.22
N PRO A 259 15.85 -39.55 3.93
CA PRO A 259 14.58 -39.77 3.22
C PRO A 259 13.83 -41.01 3.77
N LYS A 260 12.57 -40.89 4.20
CA LYS A 260 11.81 -42.02 4.75
C LYS A 260 10.57 -42.16 3.92
N PRO A 261 10.02 -43.36 3.84
CA PRO A 261 8.77 -43.50 3.09
C PRO A 261 7.63 -42.56 3.60
N PHE A 262 6.96 -41.96 2.64
CA PHE A 262 5.91 -40.98 2.93
C PHE A 262 4.59 -41.66 3.38
N THR A 263 4.25 -41.49 4.65
CA THR A 263 3.01 -42.04 5.23
C THR A 263 2.33 -41.01 6.12
N GLU A 264 1.18 -41.34 6.69
CA GLU A 264 0.47 -40.35 7.51
C GLU A 264 1.14 -40.07 8.84
N GLU A 265 2.22 -40.80 9.09
CA GLU A 265 3.06 -40.55 10.24
C GLU A 265 4.46 -40.99 9.92
N VAL A 266 5.40 -40.06 9.98
CA VAL A 266 6.77 -40.42 9.69
C VAL A 266 7.61 -39.96 10.84
N LEU A 267 8.20 -40.95 11.50
CA LEU A 267 9.03 -40.68 12.66
C LEU A 267 10.50 -40.87 12.32
N TRP A 268 11.33 -40.00 12.89
CA TRP A 268 12.78 -40.00 12.70
C TRP A 268 13.57 -40.12 14.00
N ASN A 269 13.17 -39.34 15.02
CA ASN A 269 13.92 -39.23 16.29
C ASN A 269 15.40 -38.95 16.05
N VAL A 270 15.66 -37.95 15.20
CA VAL A 270 17.02 -37.63 14.75
C VAL A 270 17.50 -36.27 15.28
N TRP A 271 18.70 -36.27 15.82
CA TRP A 271 19.38 -35.07 16.28
C TRP A 271 20.12 -34.46 15.12
N LEU A 272 19.68 -33.30 14.60
CA LEU A 272 20.44 -32.60 13.55
C LEU A 272 21.42 -31.65 14.20
N GLU A 273 22.72 -31.93 14.10
CA GLU A 273 23.67 -31.01 14.69
C GLU A 273 24.20 -30.09 13.64
N PHE A 274 23.93 -28.81 13.85
CA PHE A 274 24.37 -27.77 12.92
C PHE A 274 25.82 -27.37 13.21
N SER A 275 26.39 -26.52 12.35
CA SER A 275 27.80 -26.06 12.45
C SER A 275 27.94 -24.73 13.22
N ILE A 276 26.83 -24.06 13.50
CA ILE A 276 26.86 -22.76 14.15
C ILE A 276 26.74 -22.94 15.65
N LYS A 277 27.69 -22.34 16.39
CA LYS A 277 27.68 -22.39 17.86
C LYS A 277 26.44 -21.69 18.40
N ILE A 278 26.10 -21.93 19.66
CA ILE A 278 24.90 -21.32 20.21
C ILE A 278 25.05 -19.82 20.39
N LYS A 279 26.26 -19.40 20.79
CA LYS A 279 26.53 -18.00 21.03
C LYS A 279 26.54 -17.25 19.70
N ASP A 280 26.89 -17.96 18.62
CA ASP A 280 26.93 -17.31 17.32
C ASP A 280 25.56 -17.14 16.67
N LEU A 281 24.49 -17.47 17.42
CA LEU A 281 23.11 -17.29 16.93
C LEU A 281 22.68 -15.86 17.10
N PRO A 282 22.27 -15.18 16.01
CA PRO A 282 21.89 -13.77 16.17
C PRO A 282 20.40 -13.62 16.53
N LYS A 283 20.06 -12.57 17.26
CA LYS A 283 18.67 -12.30 17.56
C LYS A 283 17.83 -12.10 16.28
N GLY A 284 16.74 -12.83 16.17
CA GLY A 284 15.89 -12.71 15.02
C GLY A 284 16.09 -13.83 14.03
N ALA A 285 17.10 -14.67 14.27
CA ALA A 285 17.39 -15.83 13.43
C ALA A 285 16.19 -16.77 13.48
N LEU A 286 15.84 -17.41 12.37
CA LEU A 286 14.69 -18.31 12.29
C LEU A 286 15.05 -19.77 12.06
N LEU A 287 14.43 -20.68 12.82
CA LEU A 287 14.55 -22.10 12.51
C LEU A 287 13.46 -22.42 11.53
N ASN A 288 13.86 -22.48 10.26
CA ASN A 288 12.99 -22.73 9.13
C ASN A 288 12.93 -24.24 8.85
N LEU A 289 11.74 -24.83 8.99
CA LEU A 289 11.52 -26.28 8.77
C LEU A 289 10.73 -26.51 7.51
N GLN A 290 11.26 -27.34 6.60
CA GLN A 290 10.59 -27.55 5.32
C GLN A 290 10.51 -29.01 4.90
N ILE A 291 9.37 -29.41 4.32
CA ILE A 291 9.26 -30.80 3.90
C ILE A 291 9.25 -30.95 2.39
N TYR A 292 10.17 -31.76 1.87
CA TYR A 292 10.29 -31.98 0.43
C TYR A 292 9.86 -33.40 0.00
N CYS A 293 9.71 -33.69 -1.30
CA CYS A 293 9.40 -35.08 -1.71
C CYS A 293 10.29 -35.35 -2.94
N LEU A 318 9.15 -29.60 -2.71
CA LEU A 318 8.81 -28.82 -1.50
C LEU A 318 7.34 -28.82 -1.21
N LEU A 319 6.94 -29.28 -0.02
CA LEU A 319 5.52 -29.40 0.24
C LEU A 319 4.93 -28.48 1.30
N TYR A 320 5.64 -28.40 2.41
CA TYR A 320 5.26 -27.62 3.58
C TYR A 320 6.43 -26.84 4.18
N TYR A 321 6.11 -25.78 4.93
CA TYR A 321 7.13 -24.99 5.63
C TYR A 321 6.47 -24.38 6.82
N VAL A 322 7.31 -24.09 7.81
CA VAL A 322 6.92 -23.44 9.04
C VAL A 322 8.20 -22.91 9.73
N ASN A 323 8.04 -21.82 10.45
CA ASN A 323 9.16 -21.15 11.08
C ASN A 323 9.09 -21.06 12.62
N LEU A 324 10.23 -20.92 13.27
CA LEU A 324 10.27 -20.81 14.72
C LEU A 324 11.40 -19.87 15.12
N LEU A 325 11.08 -18.70 15.66
CA LEU A 325 12.14 -17.82 16.15
C LEU A 325 12.96 -18.58 17.19
N LEU A 326 14.27 -18.65 16.94
CA LEU A 326 15.22 -19.37 17.80
C LEU A 326 15.56 -18.60 19.06
N ILE A 327 15.55 -17.27 18.97
CA ILE A 327 15.72 -16.40 20.14
C ILE A 327 14.37 -15.73 20.32
N ASP A 328 13.72 -15.91 21.47
CA ASP A 328 12.38 -15.37 21.65
C ASP A 328 12.41 -13.88 21.96
N HIS A 329 11.22 -13.34 22.24
CA HIS A 329 11.03 -11.92 22.47
C HIS A 329 11.57 -11.37 23.79
N ARG A 330 12.18 -12.26 24.57
CA ARG A 330 12.80 -11.94 25.84
C ARG A 330 14.33 -12.23 25.82
N PHE A 331 14.88 -12.40 24.62
CA PHE A 331 16.30 -12.70 24.44
C PHE A 331 16.61 -14.06 25.04
N LEU A 332 15.65 -14.96 25.04
CA LEU A 332 15.82 -16.29 25.61
C LEU A 332 15.99 -17.30 24.49
N LEU A 333 16.95 -18.20 24.63
CA LEU A 333 17.09 -19.24 23.63
C LEU A 333 15.87 -20.15 23.64
N ARG A 334 15.24 -20.38 22.49
CA ARG A 334 14.07 -21.23 22.45
C ARG A 334 14.42 -22.63 22.95
N ARG A 335 13.67 -23.16 23.90
CA ARG A 335 14.01 -24.45 24.46
C ARG A 335 12.67 -25.18 24.64
N GLY A 336 12.71 -26.50 24.57
CA GLY A 336 11.57 -27.36 24.88
C GLY A 336 10.81 -28.10 23.79
N GLU A 337 9.63 -28.66 24.12
CA GLU A 337 8.93 -29.42 23.11
C GLU A 337 8.01 -28.51 22.25
N TYR A 338 7.89 -28.83 20.96
CA TYR A 338 7.07 -28.06 20.03
C TYR A 338 6.37 -28.86 18.95
N VAL A 339 5.05 -28.66 18.82
CA VAL A 339 4.32 -29.28 17.71
C VAL A 339 3.76 -28.20 16.78
N LEU A 340 4.42 -28.00 15.64
CA LEU A 340 4.07 -26.90 14.75
C LEU A 340 3.26 -27.34 13.54
N HIS A 341 2.13 -26.69 13.32
CA HIS A 341 1.35 -26.97 12.13
C HIS A 341 1.77 -26.05 11.00
N MET A 342 2.05 -26.69 9.87
CA MET A 342 2.76 -26.06 8.80
C MET A 342 1.88 -25.54 7.69
N TRP A 343 2.47 -24.65 6.90
CA TRP A 343 1.78 -24.10 5.75
C TRP A 343 2.10 -24.95 4.58
N GLN A 344 1.13 -25.04 3.69
CA GLN A 344 1.28 -25.77 2.46
C GLN A 344 1.74 -24.80 1.38
N ILE A 345 2.12 -25.32 0.23
CA ILE A 345 2.55 -24.48 -0.87
C ILE A 345 1.45 -24.50 -1.91
N SER A 346 0.98 -23.31 -2.33
CA SER A 346 -0.14 -23.21 -3.27
C SER A 346 0.26 -23.19 -4.74
N GLY A 347 -0.47 -23.97 -5.54
CA GLY A 347 -0.11 -24.20 -6.94
C GLY A 347 -0.19 -23.00 -7.87
N PHE A 355 10.91 -15.48 -1.85
CA PHE A 355 10.01 -15.57 -3.00
C PHE A 355 8.83 -14.60 -2.84
N ASN A 356 8.24 -14.63 -1.63
CA ASN A 356 6.94 -14.05 -1.25
C ASN A 356 7.02 -13.98 0.31
N ALA A 357 6.41 -12.95 0.91
CA ALA A 357 6.55 -12.71 2.36
C ALA A 357 5.82 -13.63 3.30
N ASP A 358 4.87 -14.41 2.80
CA ASP A 358 4.22 -15.37 3.69
C ASP A 358 5.26 -16.43 4.11
N LYS A 359 6.30 -16.74 3.34
CA LYS A 359 7.22 -17.80 3.82
C LYS A 359 8.09 -17.41 5.03
N LEU A 360 8.01 -16.16 5.48
CA LEU A 360 8.85 -15.73 6.58
C LEU A 360 8.16 -15.75 7.91
N THR A 361 6.85 -15.90 7.90
CA THR A 361 6.05 -15.73 9.11
C THR A 361 6.38 -16.70 10.21
N SER A 362 6.30 -16.21 11.44
CA SER A 362 6.55 -17.06 12.60
C SER A 362 5.24 -17.68 13.08
N ALA A 363 4.18 -17.45 12.32
CA ALA A 363 2.90 -17.98 12.70
C ALA A 363 2.73 -19.37 12.20
N THR A 364 1.97 -20.13 12.99
CA THR A 364 1.68 -21.50 12.61
C THR A 364 0.26 -21.54 12.10
N ASN A 365 0.01 -22.57 11.30
CA ASN A 365 -1.28 -22.76 10.67
C ASN A 365 -2.39 -23.03 11.73
N PRO A 366 -3.44 -22.17 11.77
CA PRO A 366 -4.58 -22.28 12.69
C PRO A 366 -5.32 -23.59 12.47
N ASP A 367 -5.45 -23.97 11.20
CA ASP A 367 -6.14 -25.20 10.82
C ASP A 367 -5.40 -26.41 11.28
N LYS A 368 -5.77 -26.88 12.48
CA LYS A 368 -5.10 -27.99 13.16
C LYS A 368 -5.60 -29.35 12.67
N GLU A 369 -6.68 -29.37 11.90
CA GLU A 369 -7.27 -30.64 11.53
C GLU A 369 -6.88 -31.12 10.14
N ASN A 370 -6.27 -30.26 9.34
CA ASN A 370 -5.93 -30.64 7.98
C ASN A 370 -4.48 -30.42 7.65
N SER A 371 -3.79 -29.67 8.51
CA SER A 371 -2.44 -29.33 8.13
C SER A 371 -1.43 -30.30 8.63
N MET A 372 -0.35 -30.37 7.87
CA MET A 372 0.82 -31.11 8.22
C MET A 372 1.40 -30.47 9.47
N SER A 373 1.90 -31.29 10.37
CA SER A 373 2.52 -30.80 11.58
C SER A 373 3.87 -31.45 11.64
N ILE A 374 4.77 -30.83 12.38
CA ILE A 374 6.08 -31.38 12.54
C ILE A 374 6.36 -31.21 14.03
N SER A 375 7.05 -32.21 14.57
CA SER A 375 7.35 -32.30 15.99
C SER A 375 8.83 -32.28 16.18
N ILE A 376 9.26 -31.36 17.03
CA ILE A 376 10.66 -31.17 17.29
C ILE A 376 10.93 -31.06 18.77
N LEU A 377 12.22 -31.07 19.11
CA LEU A 377 12.71 -30.93 20.48
C LEU A 377 13.94 -30.03 20.52
N LEU A 378 14.03 -29.16 21.50
CA LEU A 378 15.14 -28.22 21.64
C LEU A 378 15.55 -28.27 23.10
N ASP A 379 16.86 -28.39 23.30
CA ASP A 379 17.44 -28.43 24.63
C ASP A 379 18.91 -28.07 24.54
N ASN A 380 19.21 -26.85 24.96
CA ASN A 380 20.58 -26.34 24.92
C ASN A 380 20.96 -25.62 26.23
N HIS A 383 19.29 -15.48 28.55
CA HIS A 383 20.32 -16.50 28.35
C HIS A 383 21.45 -15.87 27.51
N PRO A 384 21.21 -15.53 26.22
CA PRO A 384 22.33 -14.97 25.44
C PRO A 384 22.30 -13.45 25.26
N ILE A 385 23.29 -12.92 24.54
CA ILE A 385 23.44 -11.50 24.19
C ILE A 385 23.66 -10.99 25.60
N ALA A 386 24.48 -11.76 26.32
CA ALA A 386 24.67 -11.62 27.76
C ALA A 386 25.80 -12.54 28.26
N GLU A 404 44.27 4.92 5.15
CA GLU A 404 43.52 5.60 4.10
C GLU A 404 43.76 4.74 2.85
N MET A 405 42.75 4.61 2.01
CA MET A 405 42.71 3.73 0.83
C MET A 405 43.43 4.09 -0.48
N PRO A 406 44.08 3.08 -1.15
CA PRO A 406 44.58 3.48 -2.47
C PRO A 406 43.40 3.90 -3.33
N ASN A 407 43.64 4.89 -4.17
CA ASN A 407 42.67 5.46 -5.08
C ASN A 407 41.96 4.26 -5.78
N GLN A 408 42.67 3.35 -6.44
CA GLN A 408 42.00 2.26 -7.17
C GLN A 408 40.95 1.48 -6.33
N LEU A 409 41.24 1.09 -5.08
CA LEU A 409 40.23 0.35 -4.30
C LEU A 409 38.99 1.20 -4.03
N ARG A 410 39.21 2.49 -3.74
CA ARG A 410 38.10 3.42 -3.52
C ARG A 410 37.20 3.49 -4.68
N LYS A 411 37.79 3.55 -5.85
CA LYS A 411 37.04 3.54 -7.06
C LYS A 411 36.17 2.27 -7.05
N GLN A 412 36.72 1.11 -6.65
CA GLN A 412 35.94 -0.15 -6.58
C GLN A 412 34.78 -0.05 -5.61
N LEU A 413 35.05 0.53 -4.45
CA LEU A 413 34.06 0.67 -3.41
C LEU A 413 32.95 1.59 -3.86
N GLU A 414 33.34 2.68 -4.49
CA GLU A 414 32.40 3.65 -4.99
C GLU A 414 31.51 3.04 -6.05
N ALA A 415 32.11 2.20 -6.90
CA ALA A 415 31.39 1.48 -7.94
C ALA A 415 30.36 0.58 -7.28
N ILE A 416 30.79 -0.13 -6.26
CA ILE A 416 29.91 -0.97 -5.46
C ILE A 416 28.79 -0.14 -4.86
N ILE A 417 29.16 0.94 -4.18
CA ILE A 417 28.20 1.82 -3.52
C ILE A 417 27.20 2.38 -4.52
N ALA A 418 27.65 2.53 -5.76
CA ALA A 418 26.83 3.17 -6.78
C ALA A 418 25.77 2.29 -7.39
N THR A 419 25.88 0.97 -7.21
CA THR A 419 24.92 0.05 -7.84
C THR A 419 23.50 0.08 -7.26
N ASP A 420 22.58 -0.45 -8.04
CA ASP A 420 21.16 -0.50 -7.69
C ASP A 420 20.94 -1.51 -6.56
N PRO A 421 19.77 -1.44 -5.90
CA PRO A 421 19.44 -2.32 -4.77
C PRO A 421 19.50 -3.76 -5.16
N LEU A 422 19.12 -4.02 -6.41
CA LEU A 422 19.02 -5.37 -6.89
C LEU A 422 20.32 -5.94 -7.38
N ASN A 423 21.36 -5.13 -7.40
CA ASN A 423 22.63 -5.67 -7.81
C ASN A 423 23.24 -6.48 -6.66
N PRO A 424 23.38 -7.79 -6.86
CA PRO A 424 23.86 -8.83 -5.94
C PRO A 424 25.30 -8.45 -5.56
N LEU A 425 25.66 -8.55 -4.30
CA LEU A 425 27.03 -8.30 -3.84
C LEU A 425 27.84 -9.57 -3.96
N THR A 426 29.06 -9.45 -4.47
CA THR A 426 29.92 -10.62 -4.58
C THR A 426 30.63 -10.87 -3.26
N ALA A 427 31.25 -12.04 -3.14
CA ALA A 427 32.04 -12.37 -1.98
C ALA A 427 33.13 -11.31 -1.92
N GLU A 428 33.71 -11.04 -3.09
CA GLU A 428 34.74 -10.03 -3.21
C GLU A 428 34.16 -8.68 -2.76
N ASP A 429 32.98 -8.35 -3.30
CA ASP A 429 32.34 -7.09 -2.92
C ASP A 429 32.13 -6.97 -1.42
N LYS A 430 31.52 -8.01 -0.84
CA LYS A 430 31.26 -8.00 0.59
C LYS A 430 32.55 -7.92 1.42
N GLU A 431 33.60 -8.65 1.08
CA GLU A 431 34.80 -8.53 1.92
C GLU A 431 35.40 -7.13 1.88
N LEU A 432 35.22 -6.44 0.75
CA LEU A 432 35.74 -5.07 0.58
C LEU A 432 34.96 -4.07 1.42
N LEU A 433 33.63 -4.16 1.33
CA LEU A 433 32.71 -3.33 2.10
C LEU A 433 33.01 -3.44 3.61
N TRP A 434 33.22 -4.66 4.08
CA TRP A 434 33.48 -4.89 5.50
C TRP A 434 34.77 -4.35 5.97
N HIS A 435 35.81 -4.71 5.24
CA HIS A 435 37.12 -4.28 5.60
C HIS A 435 37.23 -2.74 5.66
N PHE A 436 36.46 -2.06 4.82
CA PHE A 436 36.45 -0.60 4.82
C PHE A 436 35.16 -0.11 5.37
N ARG A 437 34.77 -0.68 6.50
CA ARG A 437 33.49 -0.32 6.99
C ARG A 437 33.47 1.11 7.58
N TYR A 438 34.58 1.63 8.10
CA TYR A 438 34.52 2.95 8.71
C TYR A 438 34.43 4.06 7.70
N GLU A 439 34.96 3.74 6.54
CA GLU A 439 34.88 4.61 5.38
C GLU A 439 33.53 4.45 4.70
N SER A 440 33.03 3.22 4.67
CA SER A 440 31.72 2.94 4.10
C SER A 440 30.62 3.62 4.87
N LEU A 441 30.88 3.87 6.15
CA LEU A 441 29.86 4.45 7.02
C LEU A 441 29.58 5.93 6.71
N LYS A 442 30.50 6.57 6.00
CA LYS A 442 30.39 7.99 5.63
C LYS A 442 29.40 8.23 4.47
N HIS A 443 28.92 7.13 3.88
CA HIS A 443 27.98 7.16 2.77
C HIS A 443 26.69 6.47 3.12
N PRO A 444 25.62 7.24 3.39
CA PRO A 444 24.30 6.68 3.70
C PRO A 444 23.85 5.69 2.64
N LYS A 445 24.19 5.91 1.36
CA LYS A 445 23.73 4.99 0.30
C LYS A 445 24.38 3.62 0.31
N ALA A 446 25.36 3.44 1.18
CA ALA A 446 26.06 2.17 1.25
C ALA A 446 25.54 1.30 2.38
N TYR A 447 24.67 1.86 3.20
CA TYR A 447 24.18 1.19 4.40
C TYR A 447 23.54 -0.16 4.06
N PRO A 448 22.57 -0.19 3.14
CA PRO A 448 21.98 -1.50 2.81
C PRO A 448 23.05 -2.53 2.43
N LYS A 449 23.93 -2.13 1.53
CA LYS A 449 24.98 -3.02 1.06
C LYS A 449 25.95 -3.33 2.19
N LEU A 450 26.30 -2.32 2.98
CA LEU A 450 27.24 -2.53 4.08
C LEU A 450 26.73 -3.49 5.12
N PHE A 451 25.45 -3.41 5.46
CA PHE A 451 24.88 -4.28 6.48
C PHE A 451 24.48 -5.64 5.96
N SER A 452 24.60 -5.78 4.65
CA SER A 452 24.39 -7.04 4.01
C SER A 452 25.68 -7.80 3.87
N SER A 453 26.79 -7.10 4.06
CA SER A 453 28.14 -7.67 3.99
C SER A 453 28.56 -8.24 5.32
N VAL A 454 27.70 -8.04 6.31
CA VAL A 454 27.93 -8.47 7.67
C VAL A 454 27.71 -9.96 7.81
N LYS A 455 28.68 -10.61 8.45
CA LYS A 455 28.49 -12.02 8.76
C LYS A 455 27.77 -12.09 10.07
N TRP A 456 26.42 -12.14 10.01
CA TRP A 456 25.58 -12.21 11.23
C TRP A 456 25.63 -13.54 11.95
N GLY A 457 26.29 -14.53 11.35
CA GLY A 457 26.44 -15.86 11.93
C GLY A 457 27.60 -15.94 12.91
N GLN A 458 28.22 -14.79 13.22
CA GLN A 458 29.36 -14.72 14.17
C GLN A 458 29.18 -13.61 15.19
N GLN A 459 29.25 -13.94 16.49
CA GLN A 459 29.02 -12.90 17.53
C GLN A 459 30.01 -11.73 17.54
N GLU A 460 31.31 -12.01 17.46
CA GLU A 460 32.30 -10.93 17.50
C GLU A 460 31.95 -9.91 16.42
N ILE A 461 31.60 -10.39 15.23
CA ILE A 461 31.26 -9.49 14.15
C ILE A 461 29.97 -8.69 14.37
N VAL A 462 28.86 -9.33 14.75
CA VAL A 462 27.61 -8.59 15.03
C VAL A 462 27.89 -7.48 16.03
N ALA A 463 28.72 -7.81 17.01
CA ALA A 463 29.17 -6.86 18.03
C ALA A 463 29.92 -5.68 17.40
N LYS A 464 30.92 -5.99 16.55
CA LYS A 464 31.67 -4.95 15.83
C LYS A 464 30.72 -4.11 15.01
N THR A 465 29.69 -4.79 14.50
CA THR A 465 28.69 -4.16 13.68
C THR A 465 27.87 -3.16 14.51
N TYR A 466 27.58 -3.54 15.75
CA TYR A 466 26.84 -2.69 16.71
C TYR A 466 27.73 -1.52 17.14
N GLN A 467 29.05 -1.76 17.20
CA GLN A 467 30.00 -0.68 17.45
C GLN A 467 29.89 0.31 16.32
N LEU A 468 29.78 -0.21 15.11
CA LEU A 468 29.68 0.63 13.95
C LEU A 468 28.46 1.49 14.16
N LEU A 469 27.35 0.88 14.53
CA LEU A 469 26.14 1.67 14.70
C LEU A 469 26.18 2.76 15.79
N ALA A 470 26.97 2.60 16.84
CA ALA A 470 27.03 3.68 17.86
C ALA A 470 27.74 4.98 17.41
N ARG A 471 28.42 4.93 16.27
CA ARG A 471 29.15 6.09 15.66
C ARG A 471 28.34 6.50 14.42
N ARG A 472 27.04 6.66 14.63
CA ARG A 472 26.06 6.98 13.60
C ARG A 472 25.86 8.44 13.22
N GLU A 473 26.90 9.27 13.39
CA GLU A 473 26.81 10.66 12.96
C GLU A 473 26.36 11.04 11.55
N VAL A 474 26.92 10.40 10.52
CA VAL A 474 26.54 10.76 9.15
C VAL A 474 25.12 10.38 8.80
N TRP A 475 24.73 9.23 9.29
CA TRP A 475 23.40 8.74 9.05
C TRP A 475 22.34 9.62 9.72
N ASP A 476 22.61 9.99 10.97
CA ASP A 476 21.70 10.81 11.76
C ASP A 476 21.44 12.16 11.11
N GLN A 477 22.49 12.74 10.55
CA GLN A 477 22.47 14.09 10.00
C GLN A 477 22.05 14.15 8.55
N SER A 478 22.04 13.00 7.89
CA SER A 478 21.64 12.94 6.50
C SER A 478 20.18 13.27 6.32
N ALA A 479 19.85 13.81 5.15
CA ALA A 479 18.46 14.11 4.90
C ALA A 479 17.76 12.79 4.73
N LEU A 480 16.48 12.79 5.07
CA LEU A 480 15.70 11.61 5.02
C LEU A 480 15.57 11.14 3.58
N ASP A 481 16.02 9.90 3.34
CA ASP A 481 15.90 9.26 2.02
C ASP A 481 15.01 8.03 2.13
N VAL A 482 13.75 8.27 1.82
CA VAL A 482 12.74 7.26 1.95
C VAL A 482 13.19 5.94 1.28
N GLY A 483 13.68 5.99 0.03
CA GLY A 483 14.18 4.79 -0.66
C GLY A 483 15.27 4.04 0.10
N LEU A 484 16.20 4.80 0.66
CA LEU A 484 17.30 4.27 1.46
C LEU A 484 16.70 3.72 2.73
N THR A 485 15.75 4.45 3.28
CA THR A 485 15.09 4.03 4.49
C THR A 485 14.24 2.76 4.30
N MET A 486 13.56 2.64 3.15
CA MET A 486 12.75 1.46 2.88
C MET A 486 13.58 0.20 2.70
N GLN A 487 14.77 0.33 2.09
CA GLN A 487 15.61 -0.87 1.85
C GLN A 487 16.01 -1.55 3.10
N LEU A 488 16.20 -0.79 4.16
CA LEU A 488 16.65 -1.36 5.40
C LEU A 488 15.49 -2.05 6.10
N LEU A 489 14.26 -1.88 5.59
CA LEU A 489 13.07 -2.49 6.23
C LEU A 489 12.52 -3.71 5.44
N ASP A 490 13.17 -4.15 4.36
CA ASP A 490 12.64 -5.28 3.55
C ASP A 490 13.10 -6.59 4.13
N CYS A 491 12.88 -7.67 3.39
CA CYS A 491 13.16 -9.03 3.87
C CYS A 491 14.63 -9.33 4.10
N ASN A 492 15.49 -8.43 3.63
CA ASN A 492 16.91 -8.66 3.66
C ASN A 492 17.61 -8.26 4.95
N PHE A 493 16.83 -7.78 5.93
CA PHE A 493 17.37 -7.30 7.20
C PHE A 493 16.51 -7.72 8.41
N SER A 494 17.04 -8.62 9.23
CA SER A 494 16.33 -9.10 10.41
C SER A 494 16.87 -8.52 11.70
N ASP A 495 17.96 -7.74 11.64
CA ASP A 495 18.55 -7.19 12.85
C ASP A 495 17.77 -5.98 13.25
N GLU A 496 17.26 -6.01 14.48
CA GLU A 496 16.37 -4.94 14.90
C GLU A 496 17.09 -3.62 15.04
N ASN A 497 18.39 -3.68 15.30
CA ASN A 497 19.20 -2.48 15.36
C ASN A 497 19.39 -1.84 13.99
N VAL A 498 19.71 -2.64 12.98
CA VAL A 498 19.80 -2.10 11.63
C VAL A 498 18.45 -1.52 11.27
N ARG A 499 17.40 -2.29 11.47
CA ARG A 499 16.06 -1.84 11.09
C ARG A 499 15.63 -0.62 11.90
N ALA A 500 16.10 -0.51 13.14
CA ALA A 500 15.70 0.60 14.00
C ALA A 500 16.22 1.94 13.42
N ILE A 501 17.41 1.96 12.83
CA ILE A 501 17.90 3.22 12.28
C ILE A 501 17.10 3.64 11.03
N ALA A 502 16.45 2.71 10.33
CA ALA A 502 15.59 3.15 9.20
C ALA A 502 14.36 3.79 9.83
N VAL A 503 13.69 3.10 10.77
CA VAL A 503 12.51 3.68 11.44
C VAL A 503 12.87 5.01 12.11
N GLN A 504 14.14 5.19 12.45
CA GLN A 504 14.61 6.44 13.02
C GLN A 504 14.40 7.57 12.05
N LYS A 505 14.84 7.33 10.82
CA LYS A 505 14.73 8.34 9.81
C LYS A 505 13.28 8.59 9.50
N LEU A 506 12.45 7.57 9.67
CA LEU A 506 11.01 7.72 9.40
C LEU A 506 10.32 8.68 10.38
N GLU A 507 10.85 8.80 11.61
CA GLU A 507 10.26 9.68 12.61
C GLU A 507 10.12 11.11 12.15
N SER A 508 10.98 11.53 11.23
CA SER A 508 10.98 12.93 10.77
C SER A 508 10.01 13.16 9.61
N LEU A 509 9.24 12.15 9.21
CA LEU A 509 8.23 12.33 8.15
C LEU A 509 7.04 13.12 8.66
N GLU A 510 6.60 14.12 7.94
CA GLU A 510 5.36 14.83 8.29
C GLU A 510 4.15 14.00 7.79
N ASP A 511 3.00 14.17 8.45
CA ASP A 511 1.81 13.38 8.14
C ASP A 511 1.46 13.20 6.65
N ASP A 512 1.77 14.21 5.85
CA ASP A 512 1.51 14.19 4.42
C ASP A 512 2.28 13.01 3.85
N ASP A 513 3.55 12.94 4.23
CA ASP A 513 4.42 11.93 3.70
C ASP A 513 4.17 10.53 4.23
N VAL A 514 3.74 10.47 5.49
CA VAL A 514 3.37 9.21 6.11
C VAL A 514 2.20 8.63 5.37
N LEU A 515 1.28 9.50 4.99
CA LEU A 515 0.12 9.07 4.21
C LEU A 515 0.54 8.54 2.85
N HIS A 516 1.64 9.05 2.31
CA HIS A 516 2.13 8.58 1.02
C HIS A 516 2.65 7.15 1.09
N TYR A 517 3.29 6.79 2.22
CA TYR A 517 3.93 5.49 2.32
C TYR A 517 3.34 4.56 3.36
N LEU A 518 2.15 4.93 3.84
CA LEU A 518 1.49 4.17 4.88
C LEU A 518 1.26 2.73 4.45
N LEU A 519 0.65 2.53 3.29
CA LEU A 519 0.37 1.17 2.80
C LEU A 519 1.63 0.28 2.77
N GLN A 520 2.71 0.78 2.20
CA GLN A 520 3.84 -0.13 2.06
C GLN A 520 4.61 -0.29 3.33
N LEU A 521 4.55 0.72 4.19
CA LEU A 521 5.06 0.63 5.55
C LEU A 521 4.26 -0.41 6.37
N VAL A 522 2.94 -0.41 6.20
CA VAL A 522 2.12 -1.40 6.87
C VAL A 522 2.46 -2.80 6.36
N GLN A 523 2.69 -2.94 5.06
CA GLN A 523 3.05 -4.21 4.46
C GLN A 523 4.45 -4.55 4.94
N ALA A 524 5.24 -3.53 5.29
CA ALA A 524 6.62 -3.77 5.70
C ALA A 524 6.73 -4.43 7.05
N VAL A 525 5.62 -4.43 7.79
CA VAL A 525 5.53 -5.11 9.07
C VAL A 525 5.75 -6.61 8.91
N LYS A 526 5.42 -7.12 7.73
CA LYS A 526 5.63 -8.55 7.46
C LYS A 526 7.08 -9.00 7.48
N PHE A 527 7.99 -8.04 7.29
CA PHE A 527 9.41 -8.36 7.22
C PHE A 527 10.08 -8.34 8.61
N GLU A 528 9.31 -7.93 9.61
CA GLU A 528 9.78 -7.87 10.97
C GLU A 528 9.78 -9.24 11.60
N PRO A 529 10.90 -9.60 12.19
CA PRO A 529 11.05 -10.88 12.87
C PRO A 529 10.09 -10.99 14.04
N TYR A 530 9.86 -9.90 14.76
CA TYR A 530 9.01 -9.95 15.93
C TYR A 530 7.72 -9.13 15.80
N HIS A 531 6.70 -9.55 16.53
CA HIS A 531 5.42 -8.86 16.55
C HIS A 531 5.53 -7.43 17.09
N ASP A 532 6.32 -7.23 18.13
CA ASP A 532 6.55 -5.90 18.69
C ASP A 532 7.82 -5.29 18.07
N SER A 533 7.69 -4.19 17.32
CA SER A 533 8.84 -3.55 16.64
C SER A 533 8.78 -2.04 16.58
N ALA A 534 9.94 -1.42 16.37
CA ALA A 534 9.94 0.03 16.25
C ALA A 534 9.03 0.48 15.11
N LEU A 535 9.00 -0.34 14.04
CA LEU A 535 8.16 0.00 12.90
C LEU A 535 6.70 -0.11 13.27
N ALA A 536 6.36 -1.17 13.99
CA ALA A 536 4.98 -1.41 14.43
C ALA A 536 4.56 -0.26 15.38
N ARG A 537 5.41 0.09 16.34
CA ARG A 537 5.09 1.20 17.24
C ARG A 537 4.96 2.54 16.52
N PHE A 538 5.76 2.73 15.47
CA PHE A 538 5.73 3.96 14.68
C PHE A 538 4.38 4.12 14.04
N LEU A 539 3.95 3.08 13.34
CA LEU A 539 2.62 3.08 12.75
C LEU A 539 1.56 3.40 13.79
N LEU A 540 1.64 2.69 14.93
CA LEU A 540 0.72 2.89 16.04
C LEU A 540 0.74 4.35 16.50
N LYS A 541 1.94 4.92 16.61
CA LYS A 541 2.13 6.28 17.08
C LYS A 541 1.51 7.31 16.11
N ARG A 542 1.89 7.24 14.84
CA ARG A 542 1.41 8.17 13.86
C ARG A 542 -0.09 8.06 13.62
N GLY A 543 -0.60 6.85 13.74
CA GLY A 543 -2.01 6.56 13.58
C GLY A 543 -2.88 7.16 14.67
N LEU A 544 -2.35 7.24 15.90
CA LEU A 544 -3.09 7.80 17.04
C LEU A 544 -2.97 9.29 17.03
N ARG A 545 -1.89 9.79 16.46
CA ARG A 545 -1.67 11.24 16.42
C ARG A 545 -2.47 11.99 15.35
N ASN A 546 -2.98 11.26 14.37
CA ASN A 546 -3.66 11.89 13.27
C ASN A 546 -4.79 10.98 12.81
N LYS A 547 -5.97 11.57 12.72
CA LYS A 547 -7.17 10.86 12.40
C LYS A 547 -7.11 10.29 10.98
N ARG A 548 -6.63 11.10 10.03
CA ARG A 548 -6.51 10.65 8.65
C ARG A 548 -5.56 9.45 8.54
N ILE A 549 -4.39 9.58 9.14
CA ILE A 549 -3.45 8.48 9.19
C ILE A 549 -4.09 7.30 9.92
N GLY A 550 -4.80 7.57 11.01
CA GLY A 550 -5.43 6.49 11.73
C GLY A 550 -6.49 5.75 10.97
N HIS A 551 -7.27 6.51 10.21
CA HIS A 551 -8.35 5.95 9.41
C HIS A 551 -7.79 4.95 8.39
N PHE A 552 -6.78 5.36 7.65
CA PHE A 552 -6.23 4.45 6.67
C PHE A 552 -5.45 3.31 7.28
N LEU A 553 -4.80 3.58 8.41
CA LEU A 553 -4.11 2.54 9.14
C LEU A 553 -5.09 1.43 9.47
N PHE A 554 -6.27 1.81 9.94
CA PHE A 554 -7.33 0.88 10.30
C PHE A 554 -7.63 -0.05 9.10
N TRP A 555 -7.98 0.52 7.94
CA TRP A 555 -8.38 -0.29 6.75
C TRP A 555 -7.27 -1.12 6.14
N PHE A 556 -6.04 -0.59 6.16
CA PHE A 556 -4.89 -1.32 5.65
C PHE A 556 -4.64 -2.53 6.54
N LEU A 557 -4.76 -2.34 7.85
CA LEU A 557 -4.58 -3.44 8.81
C LEU A 557 -5.74 -4.38 8.73
N ARG A 558 -6.96 -3.83 8.70
CA ARG A 558 -8.11 -4.70 8.60
C ARG A 558 -8.10 -5.49 7.29
N SER A 559 -7.60 -4.89 6.20
CA SER A 559 -7.43 -5.60 4.94
C SER A 559 -6.64 -6.86 5.01
N GLU A 560 -5.49 -6.75 5.67
CA GLU A 560 -4.56 -7.86 5.82
C GLU A 560 -5.10 -8.90 6.78
N ILE A 561 -5.76 -8.45 7.85
CA ILE A 561 -6.31 -9.35 8.84
C ILE A 561 -7.34 -10.30 8.24
N ALA A 562 -8.12 -9.78 7.28
CA ALA A 562 -9.26 -10.50 6.67
C ALA A 562 -8.80 -11.57 5.69
N GLN A 563 -7.67 -11.36 5.04
CA GLN A 563 -7.27 -12.28 4.01
C GLN A 563 -5.84 -12.78 4.15
N SER A 564 -5.28 -12.81 5.35
CA SER A 564 -3.91 -13.32 5.54
C SER A 564 -3.80 -14.09 6.84
N ARG A 565 -3.97 -15.40 6.77
CA ARG A 565 -3.85 -16.23 7.97
C ARG A 565 -2.40 -16.17 8.45
N HIS A 566 -1.49 -15.84 7.54
CA HIS A 566 -0.06 -15.77 7.82
C HIS A 566 0.30 -14.62 8.72
N TYR A 567 -0.42 -13.53 8.57
CA TYR A 567 -0.05 -12.36 9.34
C TYR A 567 -1.23 -11.66 10.04
N GLN A 568 -2.42 -12.28 10.06
CA GLN A 568 -3.58 -11.66 10.70
C GLN A 568 -3.42 -11.45 12.20
N GLN A 569 -2.76 -12.38 12.89
CA GLN A 569 -2.57 -12.27 14.33
C GLN A 569 -1.77 -11.04 14.71
N ARG A 570 -0.60 -10.88 14.10
CA ARG A 570 0.25 -9.75 14.39
C ARG A 570 -0.47 -8.43 14.11
N PHE A 571 -1.13 -8.38 12.96
CA PHE A 571 -1.84 -7.20 12.56
C PHE A 571 -3.01 -6.93 13.48
N ALA A 572 -3.64 -8.00 13.95
CA ALA A 572 -4.76 -7.92 14.88
C ALA A 572 -4.36 -7.29 16.22
N VAL A 573 -3.22 -7.67 16.77
CA VAL A 573 -2.73 -7.08 18.02
C VAL A 573 -2.45 -5.60 17.84
N ILE A 574 -1.95 -5.26 16.66
CA ILE A 574 -1.62 -3.87 16.36
C ILE A 574 -2.82 -3.01 16.17
N LEU A 575 -3.78 -3.57 15.43
CA LEU A 575 -4.97 -2.82 15.20
C LEU A 575 -5.66 -2.57 16.54
N GLU A 576 -5.73 -3.62 17.39
CA GLU A 576 -6.34 -3.47 18.71
C GLU A 576 -5.69 -2.34 19.50
N ALA A 577 -4.37 -2.33 19.46
CA ALA A 577 -3.62 -1.29 20.12
C ALA A 577 -4.10 0.07 19.58
N TYR A 578 -4.26 0.20 18.26
CA TYR A 578 -4.72 1.47 17.72
C TYR A 578 -6.14 1.81 18.19
N LEU A 579 -7.04 0.84 18.08
CA LEU A 579 -8.45 1.06 18.43
C LEU A 579 -8.67 1.45 19.91
N ARG A 580 -7.70 1.10 20.77
CA ARG A 580 -7.82 1.41 22.19
C ARG A 580 -7.31 2.80 22.53
N GLY A 581 -6.98 3.57 21.51
CA GLY A 581 -6.47 4.90 21.71
C GLY A 581 -7.00 5.88 20.71
N CYS A 582 -7.65 5.41 19.65
CA CYS A 582 -8.12 6.34 18.64
C CYS A 582 -9.23 7.23 19.20
N GLY A 583 -9.95 6.70 20.17
CA GLY A 583 -10.99 7.46 20.84
C GLY A 583 -12.36 6.93 20.50
N THR A 584 -13.31 7.24 21.38
CA THR A 584 -14.69 6.80 21.27
C THR A 584 -15.31 7.35 19.99
N ALA A 585 -14.96 8.59 19.62
CA ALA A 585 -15.53 9.18 18.42
C ALA A 585 -15.24 8.31 17.20
N MET A 586 -13.95 7.98 16.95
CA MET A 586 -13.60 7.18 15.77
C MET A 586 -14.00 5.73 15.95
N LEU A 587 -13.97 5.22 17.19
CA LEU A 587 -14.47 3.86 17.43
C LEU A 587 -15.90 3.77 16.89
N HIS A 588 -16.64 4.87 17.01
CA HIS A 588 -18.00 4.92 16.50
C HIS A 588 -18.07 5.00 14.97
N ASP A 589 -17.19 5.80 14.37
CA ASP A 589 -17.10 5.93 12.91
C ASP A 589 -16.78 4.56 12.27
N PHE A 590 -15.67 3.96 12.68
CA PHE A 590 -15.27 2.64 12.23
C PHE A 590 -16.42 1.62 12.36
N THR A 591 -17.10 1.66 13.51
CA THR A 591 -18.24 0.78 13.75
C THR A 591 -19.25 0.95 12.65
N GLN A 592 -19.53 2.21 12.33
CA GLN A 592 -20.50 2.52 11.30
C GLN A 592 -20.06 1.97 9.92
N GLN A 593 -18.79 2.18 9.61
CA GLN A 593 -18.19 1.74 8.39
C GLN A 593 -18.20 0.25 8.23
N VAL A 594 -17.78 -0.45 9.28
CA VAL A 594 -17.71 -1.92 9.26
C VAL A 594 -19.10 -2.52 9.12
N GLN A 595 -20.07 -1.87 9.76
CA GLN A 595 -21.44 -2.35 9.67
C GLN A 595 -21.88 -2.30 8.23
N VAL A 596 -21.70 -1.13 7.61
CA VAL A 596 -22.11 -1.02 6.22
C VAL A 596 -21.39 -1.88 5.17
N ILE A 597 -20.07 -1.98 5.24
CA ILE A 597 -19.37 -2.80 4.25
C ILE A 597 -19.76 -4.27 4.37
N GLU A 598 -19.77 -4.83 5.58
CA GLU A 598 -20.16 -6.25 5.72
C GLU A 598 -21.58 -6.54 5.17
N MET A 599 -22.56 -5.69 5.46
CA MET A 599 -23.91 -5.90 4.96
C MET A 599 -23.99 -5.89 3.42
N LEU A 600 -23.26 -4.97 2.80
CA LEU A 600 -23.30 -4.81 1.36
C LEU A 600 -22.58 -5.97 0.71
N GLN A 601 -21.51 -6.43 1.33
CA GLN A 601 -20.81 -7.57 0.81
C GLN A 601 -21.71 -8.82 0.86
N LYS A 602 -22.56 -8.98 1.87
CA LYS A 602 -23.49 -10.13 1.81
C LYS A 602 -24.31 -9.97 0.56
N VAL A 603 -24.83 -8.77 0.38
CA VAL A 603 -25.67 -8.50 -0.75
C VAL A 603 -24.93 -8.68 -2.09
N THR A 604 -23.67 -8.28 -2.15
CA THR A 604 -22.91 -8.43 -3.39
C THR A 604 -22.75 -9.90 -3.78
N LEU A 605 -22.41 -10.71 -2.78
CA LEU A 605 -22.20 -12.15 -2.99
C LEU A 605 -23.55 -12.85 -3.22
N ASP A 606 -24.58 -12.52 -2.44
CA ASP A 606 -25.87 -13.17 -2.66
C ASP A 606 -26.37 -12.84 -4.06
N ILE A 607 -26.10 -11.63 -4.55
CA ILE A 607 -26.56 -11.33 -5.91
C ILE A 607 -25.69 -12.11 -6.90
N LYS A 608 -24.38 -12.18 -6.71
CA LYS A 608 -23.62 -12.91 -7.71
C LYS A 608 -23.98 -14.37 -7.90
N SER A 609 -24.33 -15.04 -6.79
CA SER A 609 -24.72 -16.43 -6.78
C SER A 609 -26.06 -16.72 -7.43
N LEU A 610 -26.99 -15.82 -7.22
CA LEU A 610 -28.30 -15.89 -7.87
C LEU A 610 -28.23 -15.87 -9.37
N SER A 611 -27.35 -15.08 -9.95
CA SER A 611 -27.39 -14.98 -11.38
C SER A 611 -26.29 -15.74 -12.09
N ALA A 612 -26.67 -16.62 -12.99
CA ALA A 612 -25.69 -17.32 -13.75
C ALA A 612 -24.91 -16.34 -14.57
N GLU A 613 -23.61 -16.58 -14.60
CA GLU A 613 -22.62 -15.76 -15.27
C GLU A 613 -22.90 -15.94 -16.76
N LYS A 614 -22.93 -14.86 -17.55
CA LYS A 614 -23.10 -15.03 -18.99
C LYS A 614 -24.25 -15.94 -19.47
N TYR A 615 -25.51 -15.61 -19.19
CA TYR A 615 -26.33 -14.59 -19.80
C TYR A 615 -26.09 -13.10 -19.52
N ASP A 616 -25.86 -12.72 -18.26
CA ASP A 616 -25.89 -11.31 -17.85
C ASP A 616 -27.21 -10.98 -17.12
N VAL A 617 -27.45 -9.69 -16.84
CA VAL A 617 -28.65 -9.36 -16.07
C VAL A 617 -29.67 -8.71 -16.96
N SER A 618 -30.90 -9.20 -16.95
CA SER A 618 -31.39 -10.24 -16.05
C SER A 618 -32.37 -10.16 -14.90
N SER A 619 -33.58 -9.73 -15.22
CA SER A 619 -34.40 -8.74 -14.52
C SER A 619 -34.80 -8.99 -13.09
N GLN A 620 -35.08 -10.23 -12.73
CA GLN A 620 -35.48 -10.50 -11.36
C GLN A 620 -34.31 -10.00 -10.53
N VAL A 621 -33.11 -10.20 -11.06
CA VAL A 621 -31.93 -9.89 -10.32
C VAL A 621 -31.94 -8.44 -9.98
N ILE A 622 -32.22 -7.60 -10.96
CA ILE A 622 -32.26 -6.18 -10.67
C ILE A 622 -33.36 -5.88 -9.64
N SER A 623 -34.48 -6.58 -9.70
CA SER A 623 -35.54 -6.38 -8.72
C SER A 623 -35.20 -6.81 -7.28
N GLN A 624 -34.63 -8.01 -7.11
CA GLN A 624 -34.24 -8.57 -5.80
C GLN A 624 -33.20 -7.66 -5.14
N LEU A 625 -32.32 -7.11 -5.97
CA LEU A 625 -31.27 -6.18 -5.51
C LEU A 625 -31.92 -5.00 -4.84
N LYS A 626 -32.76 -4.27 -5.57
CA LYS A 626 -33.46 -3.13 -4.99
C LYS A 626 -34.22 -3.51 -3.71
N GLN A 627 -34.74 -4.74 -3.67
CA GLN A 627 -35.43 -5.25 -2.49
C GLN A 627 -34.47 -5.47 -1.28
N LYS A 628 -33.35 -6.17 -1.49
CA LYS A 628 -32.39 -6.37 -0.39
C LYS A 628 -31.98 -4.98 0.09
N LEU A 629 -31.67 -4.10 -0.87
CA LEU A 629 -31.26 -2.75 -0.54
C LEU A 629 -32.36 -1.98 0.20
N GLU A 630 -33.62 -2.29 -0.09
CA GLU A 630 -34.75 -1.65 0.61
C GLU A 630 -34.78 -2.15 2.05
N ASN A 631 -34.52 -3.45 2.21
CA ASN A 631 -34.47 -4.11 3.51
C ASN A 631 -33.40 -3.57 4.45
N LEU A 632 -32.22 -3.30 3.90
CA LEU A 632 -31.10 -2.79 4.67
C LEU A 632 -31.46 -1.40 5.16
N GLN A 633 -31.98 -0.52 4.29
CA GLN A 633 -32.24 0.91 4.64
C GLN A 633 -33.29 1.27 5.72
N ASN A 634 -34.48 0.66 5.67
CA ASN A 634 -35.36 0.57 6.85
C ASN A 634 -35.57 -0.90 7.23
N SER A 635 -34.77 -1.52 8.12
CA SER A 635 -33.52 -1.02 8.74
C SER A 635 -32.64 -2.28 9.09
N GLN A 636 -31.36 -2.18 9.52
CA GLN A 636 -30.72 -0.87 9.73
C GLN A 636 -29.30 -0.48 9.29
N LEU A 637 -29.28 0.26 8.20
CA LEU A 637 -28.09 0.71 7.56
C LEU A 637 -27.76 1.79 8.52
N PRO A 638 -26.49 1.98 8.86
CA PRO A 638 -26.02 3.03 9.74
C PRO A 638 -26.50 4.29 9.03
N GLU A 639 -27.08 5.27 9.72
CA GLU A 639 -27.66 6.40 9.00
C GLU A 639 -26.69 7.16 8.09
N SER A 640 -25.43 7.16 8.48
CA SER A 640 -24.36 7.82 7.78
C SER A 640 -23.07 7.07 8.07
N PHE A 641 -22.11 7.17 7.15
CA PHE A 641 -20.84 6.51 7.34
C PHE A 641 -19.78 7.20 6.51
N ARG A 642 -18.53 7.16 7.00
CA ARG A 642 -17.38 7.75 6.29
C ARG A 642 -17.07 6.89 5.09
N VAL A 643 -16.83 7.51 3.97
CA VAL A 643 -16.41 6.75 2.82
C VAL A 643 -14.99 6.31 3.10
N PRO A 644 -14.76 4.98 3.22
CA PRO A 644 -13.43 4.47 3.64
C PRO A 644 -12.27 5.00 2.78
N TYR A 645 -12.50 5.22 1.49
CA TYR A 645 -11.43 5.73 0.65
C TYR A 645 -11.39 7.24 0.62
N ASP A 646 -12.25 7.89 1.41
CA ASP A 646 -12.28 9.36 1.48
C ASP A 646 -12.96 9.74 2.77
N PRO A 647 -12.20 9.66 3.89
CA PRO A 647 -12.72 9.84 5.25
C PRO A 647 -13.45 11.19 5.38
N GLY A 648 -13.14 12.14 4.49
CA GLY A 648 -13.78 13.43 4.55
C GLY A 648 -15.26 13.33 4.25
N LEU A 649 -15.65 12.46 3.31
CA LEU A 649 -17.06 12.28 2.92
C LEU A 649 -17.87 11.39 3.82
N LYS A 650 -19.09 11.82 4.09
CA LYS A 650 -20.03 11.04 4.87
C LYS A 650 -21.23 10.74 4.01
N ALA A 651 -21.29 9.48 3.60
CA ALA A 651 -22.34 8.96 2.75
C ALA A 651 -23.55 8.84 3.61
N GLY A 652 -24.70 8.98 2.99
CA GLY A 652 -25.90 8.90 3.75
C GLY A 652 -26.74 7.75 3.29
N ALA A 653 -27.94 8.08 2.88
CA ALA A 653 -28.90 7.10 2.46
C ALA A 653 -28.64 6.65 1.04
N LEU A 654 -29.04 5.43 0.75
CA LEU A 654 -28.88 4.92 -0.60
C LEU A 654 -29.89 5.59 -1.53
N ALA A 655 -29.51 5.66 -2.79
CA ALA A 655 -30.40 6.11 -3.84
C ALA A 655 -30.78 4.84 -4.64
N ILE A 656 -31.67 4.05 -4.06
CA ILE A 656 -31.99 2.72 -4.59
C ILE A 656 -32.34 2.67 -6.10
N GLU A 657 -32.91 3.74 -6.65
CA GLU A 657 -33.22 3.77 -8.10
C GLU A 657 -31.98 3.77 -8.96
N LYS A 658 -30.90 4.36 -8.47
CA LYS A 658 -29.71 4.45 -9.28
C LYS A 658 -28.77 3.26 -9.08
N CYS A 659 -29.05 2.48 -8.03
CA CYS A 659 -28.25 1.29 -7.66
C CYS A 659 -28.55 0.11 -8.62
N LYS A 660 -27.53 -0.61 -9.06
CA LYS A 660 -27.77 -1.72 -10.01
C LYS A 660 -26.68 -2.79 -9.94
N VAL A 661 -26.90 -3.89 -10.67
CA VAL A 661 -25.87 -4.91 -10.81
C VAL A 661 -25.21 -4.76 -12.18
N MET A 662 -23.89 -4.53 -12.24
CA MET A 662 -23.26 -4.31 -13.55
C MET A 662 -23.15 -5.52 -14.47
N ALA A 663 -23.07 -5.23 -15.76
CA ALA A 663 -23.08 -6.23 -16.83
C ALA A 663 -21.69 -6.87 -17.05
N SER A 664 -21.12 -7.40 -15.96
CA SER A 664 -19.81 -8.07 -15.97
C SER A 664 -19.92 -9.50 -15.39
N LYS A 665 -18.92 -10.34 -15.67
CA LYS A 665 -19.04 -11.78 -15.44
C LYS A 665 -18.98 -12.12 -13.97
N LYS A 666 -18.66 -11.08 -13.21
CA LYS A 666 -18.49 -11.07 -11.75
C LYS A 666 -19.50 -10.25 -10.95
N LYS A 667 -20.51 -9.71 -11.64
CA LYS A 667 -21.70 -9.11 -10.99
C LYS A 667 -21.48 -8.03 -9.93
N PRO A 668 -20.62 -7.04 -10.21
CA PRO A 668 -20.30 -6.03 -9.20
C PRO A 668 -21.53 -5.22 -8.85
N LEU A 669 -21.69 -4.81 -7.61
CA LEU A 669 -22.81 -3.96 -7.25
C LEU A 669 -22.44 -2.52 -7.57
N TRP A 670 -23.32 -1.80 -8.25
CA TRP A 670 -23.19 -0.36 -8.52
C TRP A 670 -24.08 0.40 -7.55
N LEU A 671 -23.50 1.00 -6.53
CA LEU A 671 -24.30 1.64 -5.51
C LEU A 671 -24.11 3.15 -5.58
N GLU A 672 -25.14 3.88 -5.18
CA GLU A 672 -25.15 5.33 -5.19
C GLU A 672 -25.71 5.80 -3.85
N PHE A 673 -25.01 6.74 -3.20
CA PHE A 673 -25.46 7.28 -1.91
C PHE A 673 -25.71 8.77 -2.00
N LYS A 674 -26.51 9.30 -1.07
CA LYS A 674 -26.70 10.74 -0.94
C LYS A 674 -25.66 11.21 0.08
N CYS A 675 -25.08 12.38 -0.15
CA CYS A 675 -24.13 12.94 0.80
C CYS A 675 -24.86 13.29 2.06
N ALA A 676 -24.42 12.74 3.18
CA ALA A 676 -25.11 13.01 4.42
C ALA A 676 -24.90 14.43 4.91
N ASP A 677 -24.03 15.19 4.25
CA ASP A 677 -23.78 16.56 4.69
C ASP A 677 -24.72 17.50 3.94
N PRO A 678 -25.62 18.15 4.69
CA PRO A 678 -26.61 19.09 4.15
C PRO A 678 -25.93 20.30 3.54
N THR A 679 -24.84 20.74 4.19
CA THR A 679 -24.11 21.93 3.77
C THR A 679 -23.33 21.72 2.47
N ALA A 680 -23.36 20.50 1.95
CA ALA A 680 -22.70 20.25 0.66
C ALA A 680 -23.23 21.19 -0.41
N LEU A 681 -22.34 21.72 -1.24
CA LEU A 681 -22.74 22.61 -2.33
C LEU A 681 -23.25 21.89 -3.60
N SER A 682 -23.07 20.58 -3.68
CA SER A 682 -23.51 19.88 -4.89
C SER A 682 -24.68 18.93 -4.68
N ASN A 683 -25.36 18.53 -5.76
CA ASN A 683 -26.42 17.55 -5.56
C ASN A 683 -26.01 16.13 -6.04
N GLU A 684 -24.73 15.94 -6.37
CA GLU A 684 -24.18 14.64 -6.80
C GLU A 684 -24.21 13.51 -5.77
N THR A 685 -24.36 12.29 -6.27
CA THR A 685 -24.36 11.10 -5.42
C THR A 685 -22.93 10.62 -5.21
N ILE A 686 -22.73 9.90 -4.13
CA ILE A 686 -21.44 9.26 -3.90
C ILE A 686 -21.54 7.89 -4.59
N GLY A 687 -20.68 7.67 -5.56
CA GLY A 687 -20.74 6.45 -6.35
C GLY A 687 -19.76 5.44 -5.84
N ILE A 688 -20.26 4.24 -5.57
CA ILE A 688 -19.42 3.13 -5.10
C ILE A 688 -19.77 1.80 -5.80
N ILE A 689 -18.73 1.12 -6.28
CA ILE A 689 -18.80 -0.21 -6.86
C ILE A 689 -18.37 -1.24 -5.84
N PHE A 690 -19.20 -2.22 -5.47
CA PHE A 690 -18.70 -3.24 -4.52
C PHE A 690 -18.30 -4.51 -5.26
N LYS A 691 -17.06 -5.01 -5.21
CA LYS A 691 -16.86 -6.18 -6.07
C LYS A 691 -16.03 -7.39 -5.60
N HIS A 692 -16.55 -8.57 -5.87
CA HIS A 692 -15.84 -9.84 -5.72
C HIS A 692 -15.91 -10.44 -7.16
N GLY A 693 -14.90 -11.11 -7.71
CA GLY A 693 -13.63 -11.36 -7.09
C GLY A 693 -12.34 -11.10 -7.87
N ASP A 694 -11.80 -9.89 -7.65
CA ASP A 694 -10.56 -9.44 -8.25
C ASP A 694 -9.66 -9.43 -7.03
N ASP A 695 -8.34 -9.53 -7.14
CA ASP A 695 -7.59 -9.35 -5.89
C ASP A 695 -7.33 -7.85 -5.82
N LEU A 696 -8.20 -7.14 -5.10
CA LEU A 696 -8.12 -5.68 -5.07
C LEU A 696 -6.90 -5.20 -4.24
N ARG A 697 -6.14 -6.11 -3.61
CA ARG A 697 -4.95 -5.64 -2.92
C ARG A 697 -3.93 -5.20 -3.96
N GLN A 698 -3.93 -5.89 -5.10
CA GLN A 698 -3.03 -5.51 -6.15
C GLN A 698 -3.41 -4.14 -6.67
N ASP A 699 -4.72 -3.86 -6.76
CA ASP A 699 -5.16 -2.55 -7.20
C ASP A 699 -4.77 -1.49 -6.17
N MET A 700 -4.92 -1.79 -4.86
CA MET A 700 -4.58 -0.85 -3.78
C MET A 700 -3.13 -0.39 -3.83
N LEU A 701 -2.22 -1.36 -3.96
CA LEU A 701 -0.79 -1.12 -4.04
C LEU A 701 -0.38 -0.30 -5.26
N ILE A 702 -0.82 -0.77 -6.44
CA ILE A 702 -0.55 -0.10 -7.71
C ILE A 702 -0.97 1.35 -7.63
N LEU A 703 -2.21 1.53 -7.17
CA LEU A 703 -2.77 2.88 -7.06
C LEU A 703 -1.93 3.72 -6.15
N GLN A 704 -1.51 3.17 -5.04
CA GLN A 704 -0.68 3.93 -4.13
C GLN A 704 0.66 4.30 -4.76
N ILE A 705 1.24 3.38 -5.52
CA ILE A 705 2.48 3.65 -6.22
C ILE A 705 2.22 4.83 -7.18
N LEU A 706 1.06 4.82 -7.84
CA LEU A 706 0.72 5.93 -8.74
C LEU A 706 0.75 7.25 -7.98
N ARG A 707 0.15 7.25 -6.79
CA ARG A 707 0.17 8.46 -5.98
C ARG A 707 1.60 8.89 -5.63
N ILE A 708 2.48 7.91 -5.40
CA ILE A 708 3.89 8.17 -5.10
C ILE A 708 4.56 8.78 -6.32
N MET A 709 4.23 8.27 -7.51
CA MET A 709 4.75 8.82 -8.75
C MET A 709 4.30 10.27 -8.94
N GLU A 710 3.09 10.59 -8.48
CA GLU A 710 2.64 11.96 -8.59
C GLU A 710 3.50 12.81 -7.69
N SER A 711 3.60 12.46 -6.40
CA SER A 711 4.43 13.27 -5.51
C SER A 711 5.84 13.39 -6.08
N ILE A 712 6.38 12.34 -6.69
CA ILE A 712 7.70 12.50 -7.33
C ILE A 712 7.68 13.56 -8.45
N TRP A 713 6.65 13.53 -9.27
CA TRP A 713 6.53 14.52 -10.34
C TRP A 713 6.28 15.89 -9.79
N GLU A 714 5.70 15.98 -8.60
CA GLU A 714 5.45 17.27 -7.98
C GLU A 714 6.80 17.92 -7.59
N THR A 715 7.82 17.11 -7.25
CA THR A 715 9.13 17.65 -6.84
C THR A 715 9.88 18.36 -7.96
N GLU A 716 9.65 17.87 -9.17
CA GLU A 716 10.23 18.40 -10.41
C GLU A 716 9.25 19.42 -11.03
N SER A 717 8.18 19.77 -10.30
CA SER A 717 7.12 20.69 -10.78
C SER A 717 6.26 20.20 -11.98
N LEU A 718 6.23 18.89 -12.20
CA LEU A 718 5.35 18.23 -13.19
C LEU A 718 3.95 17.75 -12.70
N ASP A 719 2.96 17.77 -13.61
CA ASP A 719 1.57 17.31 -13.39
C ASP A 719 1.23 16.50 -14.64
N LEU A 720 1.32 15.19 -14.53
CA LEU A 720 0.86 14.26 -15.55
C LEU A 720 -0.62 13.80 -15.41
N CYS A 721 -1.40 14.53 -14.63
CA CYS A 721 -2.85 14.33 -14.58
C CYS A 721 -3.36 12.92 -14.28
N LEU A 722 -2.75 12.20 -13.33
CA LEU A 722 -3.23 10.84 -13.01
C LEU A 722 -4.54 10.80 -12.22
N LEU A 723 -5.30 9.70 -12.33
CA LEU A 723 -6.54 9.54 -11.57
C LEU A 723 -6.44 8.25 -10.77
N PRO A 724 -5.63 8.29 -9.69
CA PRO A 724 -5.45 7.17 -8.80
C PRO A 724 -6.74 7.17 -7.99
N TYR A 725 -7.83 6.63 -8.51
CA TYR A 725 -9.12 6.68 -7.83
C TYR A 725 -9.10 5.89 -6.50
N GLY A 726 -10.13 6.06 -5.67
CA GLY A 726 -10.19 5.35 -4.41
C GLY A 726 -10.46 3.87 -4.55
N CYS A 727 -9.73 3.05 -3.78
CA CYS A 727 -9.92 1.59 -3.78
C CYS A 727 -9.55 0.80 -2.50
N ILE A 728 -10.50 0.28 -1.76
CA ILE A 728 -10.12 -0.44 -0.56
C ILE A 728 -10.43 -1.92 -0.65
N SER A 729 -9.39 -2.72 -0.39
CA SER A 729 -9.50 -4.17 -0.28
C SER A 729 -9.98 -4.47 1.14
N THR A 730 -11.07 -5.21 1.21
CA THR A 730 -11.74 -5.42 2.47
C THR A 730 -11.71 -6.86 2.98
N GLY A 731 -11.57 -7.80 2.05
CA GLY A 731 -11.52 -9.20 2.43
C GLY A 731 -10.77 -9.92 1.34
N ASP A 732 -11.04 -11.21 1.23
CA ASP A 732 -10.40 -12.07 0.23
C ASP A 732 -11.15 -11.90 -1.12
N LYS A 733 -10.42 -11.46 -2.16
CA LYS A 733 -10.97 -11.16 -3.49
C LYS A 733 -12.27 -10.31 -3.44
N ILE A 734 -12.28 -9.32 -2.55
CA ILE A 734 -13.47 -8.49 -2.34
C ILE A 734 -13.12 -7.13 -1.68
N GLY A 735 -13.80 -6.09 -2.14
CA GLY A 735 -13.61 -4.72 -1.73
C GLY A 735 -14.49 -3.76 -2.51
N MET A 736 -14.19 -2.48 -2.25
CA MET A 736 -14.90 -1.35 -2.80
C MET A 736 -14.06 -0.44 -3.79
N ILE A 737 -14.74 0.24 -4.71
CA ILE A 737 -14.12 1.12 -5.68
C ILE A 737 -14.86 2.47 -5.75
N GLU A 738 -14.12 3.53 -6.00
CA GLU A 738 -14.74 4.83 -6.19
C GLU A 738 -15.26 4.91 -7.60
N ILE A 739 -16.47 5.42 -7.76
CA ILE A 739 -16.96 5.60 -9.10
C ILE A 739 -16.56 6.98 -9.62
N VAL A 740 -15.67 7.02 -10.60
CA VAL A 740 -15.37 8.31 -11.20
C VAL A 740 -16.50 8.68 -12.11
N LYS A 741 -17.10 9.83 -11.84
CA LYS A 741 -18.29 10.23 -12.56
C LYS A 741 -18.03 10.59 -14.02
N ASP A 742 -18.94 10.16 -14.89
CA ASP A 742 -18.89 10.52 -16.30
C ASP A 742 -17.62 10.02 -16.98
N ALA A 743 -17.21 8.82 -16.64
CA ALA A 743 -16.01 8.21 -17.21
C ALA A 743 -16.44 7.02 -18.00
N THR A 744 -15.85 6.81 -19.17
CA THR A 744 -16.19 5.61 -19.92
C THR A 744 -14.95 4.92 -20.40
N THR A 745 -15.17 3.66 -20.67
CA THR A 745 -14.17 2.78 -21.18
C THR A 745 -13.83 3.15 -22.62
N ILE A 746 -12.56 3.02 -23.02
CA ILE A 746 -12.15 3.27 -24.42
C ILE A 746 -12.92 2.30 -25.32
N ALA A 747 -13.03 1.06 -24.88
CA ALA A 747 -13.72 0.04 -25.64
C ALA A 747 -15.20 0.38 -25.83
N LYS A 748 -15.81 1.05 -24.85
CA LYS A 748 -17.22 1.38 -25.01
C LYS A 748 -17.37 2.46 -26.10
N ILE A 749 -16.41 3.40 -26.15
CA ILE A 749 -16.39 4.45 -27.19
C ILE A 749 -16.14 3.87 -28.61
N GLN A 750 -15.49 2.72 -28.76
CA GLN A 750 -15.38 2.18 -30.11
C GLN A 750 -16.69 1.54 -30.41
N GLN A 751 -17.25 0.81 -29.45
CA GLN A 751 -18.52 0.16 -29.72
C GLN A 751 -19.68 1.14 -29.48
N SER A 752 -19.57 2.29 -30.12
CA SER A 752 -20.69 3.17 -30.38
C SER A 752 -21.12 2.85 -31.81
N THR A 753 -20.50 1.80 -32.36
CA THR A 753 -20.70 1.42 -33.75
C THR A 753 -21.29 0.03 -33.90
N VAL A 754 -21.95 -0.18 -35.03
CA VAL A 754 -22.69 -1.41 -35.34
C VAL A 754 -21.86 -2.69 -35.39
N GLY A 755 -20.62 -2.58 -35.89
CA GLY A 755 -19.87 -3.73 -36.34
C GLY A 755 -19.58 -4.84 -35.33
N ASN A 756 -19.12 -4.48 -34.14
CA ASN A 756 -18.81 -5.47 -33.12
C ASN A 756 -17.53 -6.21 -33.48
N THR A 757 -17.22 -7.26 -32.71
CA THR A 757 -16.10 -8.13 -33.01
C THR A 757 -14.79 -7.36 -33.02
N GLY A 758 -14.73 -6.28 -32.25
CA GLY A 758 -13.53 -5.48 -32.15
C GLY A 758 -13.01 -4.95 -33.47
N ALA A 759 -13.91 -4.55 -34.37
CA ALA A 759 -13.45 -3.99 -35.64
C ALA A 759 -13.12 -2.54 -35.25
N PHE A 760 -12.01 -2.27 -34.57
CA PHE A 760 -11.76 -0.88 -34.11
C PHE A 760 -11.48 0.17 -35.19
N LYS A 761 -11.98 1.37 -34.89
CA LYS A 761 -11.88 2.54 -35.75
C LYS A 761 -11.16 3.78 -35.13
N ASP A 762 -10.33 4.45 -35.94
CA ASP A 762 -9.40 5.53 -35.50
C ASP A 762 -9.92 6.91 -35.08
N GLU A 763 -11.08 7.33 -35.57
CA GLU A 763 -11.43 8.73 -35.40
C GLU A 763 -12.29 9.08 -34.18
N VAL A 764 -12.97 8.05 -33.71
CA VAL A 764 -13.96 8.15 -32.65
C VAL A 764 -13.58 8.89 -31.34
N LEU A 765 -12.40 8.65 -30.76
CA LEU A 765 -12.02 9.26 -29.48
C LEU A 765 -12.13 10.78 -29.64
N ASN A 766 -11.60 11.33 -30.72
CA ASN A 766 -11.69 12.77 -30.89
C ASN A 766 -13.16 13.26 -31.06
N HIS A 767 -14.04 12.48 -31.70
CA HIS A 767 -15.49 12.85 -31.78
C HIS A 767 -16.16 12.83 -30.42
N TRP A 768 -15.93 11.76 -29.66
CA TRP A 768 -16.53 11.58 -28.36
C TRP A 768 -16.24 12.77 -27.49
N LEU A 769 -15.05 13.34 -27.68
CA LEU A 769 -14.64 14.49 -26.91
C LEU A 769 -15.44 15.70 -27.43
N LYS A 770 -15.54 15.83 -28.75
CA LYS A 770 -16.33 16.90 -29.29
C LYS A 770 -17.83 16.95 -28.87
N GLU A 771 -18.48 15.81 -28.63
CA GLU A 771 -19.92 15.76 -28.28
C GLU A 771 -20.10 16.22 -26.81
N LYS A 772 -19.19 15.73 -26.00
CA LYS A 772 -19.14 15.84 -24.55
C LYS A 772 -18.62 17.22 -24.05
N SER A 773 -18.26 18.13 -24.96
CA SER A 773 -17.81 19.49 -24.59
C SER A 773 -18.93 20.45 -24.95
N PRO A 774 -19.18 21.41 -24.06
CA PRO A 774 -20.19 22.41 -24.37
C PRO A 774 -19.65 23.49 -25.27
N THR A 775 -18.44 23.92 -24.97
CA THR A 775 -17.79 24.95 -25.76
C THR A 775 -16.71 24.25 -26.55
N GLU A 776 -15.81 25.02 -27.12
CA GLU A 776 -14.73 24.44 -27.89
C GLU A 776 -13.48 24.63 -27.04
N GLU A 777 -13.52 25.66 -26.20
CA GLU A 777 -12.42 25.91 -25.28
C GLU A 777 -12.28 24.75 -24.29
N LYS A 778 -13.41 24.25 -23.78
CA LYS A 778 -13.34 23.13 -22.87
C LYS A 778 -12.81 21.89 -23.58
N PHE A 779 -13.16 21.79 -24.88
CA PHE A 779 -12.71 20.70 -25.76
C PHE A 779 -11.18 20.74 -25.87
N GLN A 780 -10.67 21.96 -26.02
CA GLN A 780 -9.24 22.21 -26.13
C GLN A 780 -8.54 21.86 -24.82
N ALA A 781 -9.22 22.12 -23.69
CA ALA A 781 -8.73 21.78 -22.34
C ALA A 781 -8.79 20.28 -22.09
N ALA A 782 -9.65 19.60 -22.83
CA ALA A 782 -9.81 18.15 -22.76
C ALA A 782 -8.73 17.48 -23.58
N VAL A 783 -8.37 18.11 -24.68
CA VAL A 783 -7.33 17.59 -25.50
C VAL A 783 -6.04 17.73 -24.75
N GLU A 784 -5.84 18.90 -24.16
CA GLU A 784 -4.64 19.13 -23.39
C GLU A 784 -4.53 18.20 -22.17
N ARG A 785 -5.64 18.00 -21.47
CA ARG A 785 -5.73 17.09 -20.33
C ARG A 785 -5.45 15.67 -20.78
N PHE A 786 -5.90 15.35 -22.00
CA PHE A 786 -5.68 14.01 -22.48
C PHE A 786 -4.20 13.81 -22.71
N VAL A 787 -3.56 14.76 -23.36
CA VAL A 787 -2.14 14.63 -23.65
C VAL A 787 -1.29 14.44 -22.38
N TYR A 788 -1.67 15.07 -21.28
CA TYR A 788 -0.93 14.92 -20.04
C TYR A 788 -1.27 13.59 -19.38
N SER A 789 -2.57 13.30 -19.23
CA SER A 789 -2.98 12.03 -18.61
C SER A 789 -2.49 10.80 -19.41
N CYS A 790 -2.46 10.91 -20.73
CA CYS A 790 -1.98 9.79 -21.54
C CYS A 790 -0.50 9.61 -21.37
N ALA A 791 0.21 10.73 -21.32
CA ALA A 791 1.65 10.72 -21.16
C ALA A 791 1.98 10.10 -19.81
N GLY A 792 1.26 10.54 -18.77
CA GLY A 792 1.51 10.01 -17.45
C GLY A 792 1.26 8.52 -17.34
N TYR A 793 0.12 8.07 -17.85
CA TYR A 793 -0.21 6.65 -17.77
C TYR A 793 0.66 5.79 -18.68
N CYS A 794 1.25 6.38 -19.71
CA CYS A 794 2.16 5.63 -20.55
C CYS A 794 3.46 5.42 -19.83
N VAL A 795 3.95 6.48 -19.19
CA VAL A 795 5.22 6.35 -18.49
C VAL A 795 5.13 5.40 -17.27
N ALA A 796 4.21 5.68 -16.34
CA ALA A 796 4.06 4.84 -15.13
C ALA A 796 3.73 3.38 -15.45
N THR A 797 2.89 3.19 -16.46
CA THR A 797 2.45 1.86 -16.75
C THR A 797 3.63 1.12 -17.35
N PHE A 798 4.49 1.85 -18.06
CA PHE A 798 5.64 1.19 -18.62
C PHE A 798 6.62 0.80 -17.51
N VAL A 799 6.82 1.70 -16.56
CA VAL A 799 7.75 1.42 -15.47
C VAL A 799 7.33 0.25 -14.60
N LEU A 800 6.04 0.15 -14.33
CA LEU A 800 5.54 -0.91 -13.48
C LEU A 800 5.32 -2.19 -14.27
N GLY A 801 5.48 -2.12 -15.57
CA GLY A 801 5.32 -3.31 -16.36
C GLY A 801 3.89 -3.82 -16.41
N ILE A 802 2.94 -2.90 -16.44
CA ILE A 802 1.50 -3.22 -16.56
C ILE A 802 0.95 -2.38 -17.72
N GLY A 803 1.80 -2.13 -18.72
CA GLY A 803 1.48 -1.29 -19.86
C GLY A 803 0.70 -1.93 -21.00
N ASP A 804 0.68 -3.26 -21.05
CA ASP A 804 -0.01 -3.98 -22.11
C ASP A 804 -1.42 -4.38 -21.75
N ARG A 805 -2.38 -3.48 -22.02
CA ARG A 805 -3.79 -3.69 -21.65
C ARG A 805 -4.79 -3.56 -22.81
N HIS A 806 -5.93 -4.19 -22.62
CA HIS A 806 -7.11 -4.08 -23.48
C HIS A 806 -7.86 -2.78 -23.21
N ASN A 807 -8.36 -2.06 -24.23
CA ASN A 807 -9.00 -0.77 -23.95
C ASN A 807 -10.29 -0.94 -23.18
N ASP A 808 -10.59 -2.13 -22.68
CA ASP A 808 -11.73 -2.21 -21.77
C ASP A 808 -11.20 -1.74 -20.38
N ASN A 809 -9.90 -1.95 -20.11
CA ASN A 809 -9.26 -1.49 -18.88
C ASN A 809 -8.63 -0.11 -18.90
N ILE A 810 -8.97 0.72 -19.88
CA ILE A 810 -8.50 2.10 -19.93
C ILE A 810 -9.70 2.99 -20.06
N MET A 811 -9.77 4.02 -19.23
CA MET A 811 -10.92 4.87 -19.25
C MET A 811 -10.51 6.33 -19.46
N ILE A 812 -11.52 7.14 -19.82
CA ILE A 812 -11.37 8.57 -19.99
C ILE A 812 -12.62 9.29 -19.45
N THR A 813 -12.40 10.44 -18.85
CA THR A 813 -13.47 11.27 -18.36
C THR A 813 -13.98 12.20 -19.46
N GLU A 814 -15.25 12.63 -19.36
CA GLU A 814 -15.80 13.59 -20.33
C GLU A 814 -14.99 14.87 -20.29
N THR A 815 -14.19 15.06 -19.26
CA THR A 815 -13.39 16.27 -19.16
C THR A 815 -12.02 16.06 -19.81
N GLY A 816 -11.85 14.90 -20.43
CA GLY A 816 -10.67 14.53 -21.20
C GLY A 816 -9.51 13.86 -20.51
N ASN A 817 -9.75 13.37 -19.31
CA ASN A 817 -8.74 12.71 -18.48
C ASN A 817 -8.63 11.20 -18.70
N LEU A 818 -7.49 10.72 -19.18
CA LEU A 818 -7.32 9.29 -19.43
C LEU A 818 -6.83 8.62 -18.16
N PHE A 819 -7.17 7.34 -17.96
CA PHE A 819 -6.67 6.62 -16.78
C PHE A 819 -6.96 5.11 -16.83
N HIS A 820 -6.02 4.29 -16.32
CA HIS A 820 -6.18 2.84 -16.35
C HIS A 820 -6.97 2.35 -15.14
N ILE A 821 -7.51 1.13 -15.24
CA ILE A 821 -8.26 0.51 -14.16
C ILE A 821 -8.02 -0.99 -14.10
N ASP A 822 -8.62 -1.67 -13.13
CA ASP A 822 -8.50 -3.11 -13.07
C ASP A 822 -7.09 -3.69 -13.15
N PHE A 823 -6.31 -3.43 -12.13
CA PHE A 823 -4.93 -3.89 -12.05
C PHE A 823 -4.85 -5.24 -11.40
N GLY A 824 -5.91 -5.69 -10.76
CA GLY A 824 -5.79 -6.88 -9.94
C GLY A 824 -5.90 -8.17 -10.74
N HIS A 825 -5.05 -8.29 -11.76
CA HIS A 825 -4.95 -9.52 -12.53
C HIS A 825 -3.55 -10.02 -12.70
N ILE A 826 -2.67 -9.11 -13.08
CA ILE A 826 -1.85 -9.14 -14.29
C ILE A 826 -0.34 -9.46 -14.12
N GLU A 839 3.47 -11.65 -29.17
CA GLU A 839 3.62 -10.23 -29.43
C GLU A 839 3.21 -9.37 -28.22
N ARG A 840 3.64 -8.12 -28.19
CA ARG A 840 3.80 -7.38 -26.95
C ARG A 840 3.85 -5.85 -27.20
N VAL A 841 3.31 -5.01 -26.33
CA VAL A 841 3.43 -3.57 -26.63
C VAL A 841 3.87 -2.95 -25.28
N PRO A 842 4.74 -1.91 -25.30
CA PRO A 842 5.21 -1.18 -24.10
C PRO A 842 4.07 -0.61 -23.26
N PHE A 843 3.15 0.02 -23.98
CA PHE A 843 1.97 0.54 -23.39
C PHE A 843 0.89 0.74 -24.46
N VAL A 844 -0.11 1.53 -24.12
CA VAL A 844 -1.22 1.78 -25.01
C VAL A 844 -1.14 3.18 -25.54
N LEU A 845 -0.75 3.29 -26.80
CA LEU A 845 -0.69 4.56 -27.51
C LEU A 845 -1.35 4.24 -28.83
N THR A 846 -2.59 3.78 -28.72
CA THR A 846 -3.31 3.32 -29.88
C THR A 846 -3.52 4.47 -30.86
N PRO A 847 -3.72 4.12 -32.13
CA PRO A 847 -3.91 5.11 -33.19
C PRO A 847 -5.06 6.06 -32.89
N ASP A 848 -6.05 5.63 -32.13
CA ASP A 848 -7.17 6.51 -31.81
C ASP A 848 -6.71 7.61 -30.86
N PHE A 849 -5.81 7.29 -29.94
CA PHE A 849 -5.22 8.31 -29.07
C PHE A 849 -4.44 9.32 -29.89
N LEU A 850 -3.58 8.85 -30.79
CA LEU A 850 -2.74 9.71 -31.63
C LEU A 850 -3.56 10.68 -32.47
N PHE A 851 -4.75 10.24 -32.86
CA PHE A 851 -5.64 11.04 -33.67
C PHE A 851 -6.08 12.27 -32.86
N VAL A 852 -6.30 12.09 -31.57
CA VAL A 852 -6.64 13.23 -30.73
C VAL A 852 -5.42 14.17 -30.69
N MET A 853 -4.22 13.62 -30.91
CA MET A 853 -2.95 14.37 -30.92
C MET A 853 -2.61 14.99 -32.28
N GLY A 854 -3.39 14.63 -33.29
CA GLY A 854 -3.27 15.14 -34.66
C GLY A 854 -2.27 14.39 -35.52
N THR A 855 -2.31 13.06 -35.42
CA THR A 855 -1.46 12.15 -36.15
C THR A 855 -2.23 10.84 -36.42
N SER A 856 -1.91 10.13 -37.49
CA SER A 856 -2.60 8.87 -37.73
C SER A 856 -1.69 8.04 -38.59
N GLY A 857 -0.75 7.38 -37.91
CA GLY A 857 0.19 6.55 -38.61
C GLY A 857 1.31 7.47 -39.11
N LYS A 858 2.56 7.32 -38.70
CA LYS A 858 3.69 7.99 -39.40
C LYS A 858 3.68 9.52 -39.75
N LYS A 859 3.39 10.41 -38.79
CA LYS A 859 3.31 11.86 -39.04
C LYS A 859 3.77 12.48 -37.70
N THR A 860 3.45 13.74 -37.42
CA THR A 860 3.80 14.28 -36.12
C THR A 860 2.83 15.47 -35.92
N SER A 861 3.03 16.33 -34.91
CA SER A 861 2.09 17.44 -34.68
C SER A 861 2.46 18.27 -33.44
N PRO A 862 2.07 19.55 -33.36
CA PRO A 862 2.34 20.27 -32.09
C PRO A 862 1.81 19.59 -30.78
N HIS A 863 0.79 18.71 -30.79
CA HIS A 863 0.34 18.08 -29.53
C HIS A 863 1.10 16.81 -29.28
N PHE A 864 1.47 16.09 -30.35
CA PHE A 864 2.23 14.85 -30.23
C PHE A 864 3.68 15.07 -29.80
N GLN A 865 4.29 16.13 -30.33
CA GLN A 865 5.60 16.59 -29.92
C GLN A 865 5.58 16.91 -28.41
N LYS A 866 4.47 17.50 -27.97
CA LYS A 866 4.26 17.85 -26.58
C LYS A 866 4.25 16.50 -25.81
N PHE A 867 3.43 15.56 -26.27
CA PHE A 867 3.36 14.24 -25.65
C PHE A 867 4.75 13.58 -25.49
N GLN A 868 5.50 13.55 -26.56
CA GLN A 868 6.85 12.98 -26.55
C GLN A 868 7.81 13.68 -25.64
N ASP A 869 7.61 14.98 -25.52
CA ASP A 869 8.48 15.78 -24.68
C ASP A 869 8.14 15.56 -23.19
N ILE A 870 6.85 15.52 -22.87
CA ILE A 870 6.40 15.35 -21.48
C ILE A 870 6.76 13.95 -20.98
N CYS A 871 6.68 12.93 -21.83
CA CYS A 871 7.02 11.58 -21.38
C CYS A 871 8.47 11.53 -20.94
N VAL A 872 9.37 12.01 -21.78
CA VAL A 872 10.78 11.98 -21.45
C VAL A 872 11.14 12.75 -20.18
N LYS A 873 10.52 13.89 -19.96
CA LYS A 873 10.70 14.63 -18.72
C LYS A 873 10.21 13.76 -17.56
N ALA A 874 9.01 13.22 -17.69
CA ALA A 874 8.39 12.39 -16.65
C ALA A 874 9.23 11.17 -16.41
N TYR A 875 9.69 10.56 -17.50
CA TYR A 875 10.50 9.35 -17.43
C TYR A 875 11.82 9.64 -16.72
N LEU A 876 12.54 10.66 -17.17
CA LEU A 876 13.79 11.03 -16.54
C LEU A 876 13.57 11.47 -15.12
N ALA A 877 12.39 12.00 -14.82
CA ALA A 877 12.11 12.46 -13.46
C ALA A 877 11.92 11.29 -12.48
N LEU A 878 11.37 10.17 -12.96
CA LEU A 878 11.16 9.00 -12.12
C LEU A 878 12.51 8.29 -11.90
N ARG A 879 13.38 8.34 -12.90
CA ARG A 879 14.70 7.71 -12.81
C ARG A 879 15.60 8.35 -11.74
N HIS A 880 15.27 9.57 -11.32
CA HIS A 880 16.00 10.22 -10.25
C HIS A 880 15.60 9.62 -8.89
N HIS A 881 14.62 8.73 -8.92
CA HIS A 881 14.17 8.03 -7.73
C HIS A 881 14.10 6.55 -8.02
N THR A 882 15.07 6.15 -8.82
CA THR A 882 15.18 4.80 -9.27
C THR A 882 15.13 3.83 -8.10
N ASN A 883 16.06 3.99 -7.17
CA ASN A 883 16.13 3.13 -6.00
C ASN A 883 14.84 2.97 -5.27
N LEU A 884 14.13 4.08 -5.07
CA LEU A 884 12.85 4.06 -4.34
C LEU A 884 11.82 3.31 -5.09
N LEU A 885 11.85 3.49 -6.40
CA LEU A 885 10.91 2.78 -7.28
C LEU A 885 11.15 1.26 -7.30
N ILE A 886 12.42 0.89 -7.37
CA ILE A 886 12.88 -0.50 -7.33
C ILE A 886 12.51 -1.20 -6.02
N ILE A 887 12.81 -0.53 -4.91
CA ILE A 887 12.54 -1.13 -3.62
C ILE A 887 11.03 -1.28 -3.40
N LEU A 888 10.23 -0.31 -3.85
CA LEU A 888 8.76 -0.38 -3.73
C LEU A 888 8.17 -1.46 -4.58
N PHE A 889 8.68 -1.57 -5.79
CA PHE A 889 8.24 -2.60 -6.72
C PHE A 889 8.56 -3.97 -6.19
N SER A 890 9.81 -4.15 -5.77
CA SER A 890 10.28 -5.41 -5.22
C SER A 890 9.41 -5.75 -3.99
N MET A 891 9.16 -4.78 -3.09
CA MET A 891 8.31 -5.05 -1.92
C MET A 891 6.86 -5.41 -2.32
N MET A 892 6.33 -4.71 -3.31
CA MET A 892 4.98 -4.93 -3.80
C MET A 892 4.83 -6.38 -4.21
N LEU A 893 5.81 -6.89 -4.96
CA LEU A 893 5.74 -8.26 -5.43
C LEU A 893 5.80 -9.22 -4.24
N MET A 894 6.65 -8.97 -3.25
CA MET A 894 6.77 -9.91 -2.14
C MET A 894 5.56 -10.01 -1.21
N THR A 895 4.81 -8.91 -1.05
CA THR A 895 3.74 -8.83 -0.06
C THR A 895 2.37 -8.72 -0.66
N GLY A 896 2.30 -8.53 -1.95
CA GLY A 896 1.06 -8.26 -2.65
C GLY A 896 0.66 -9.16 -3.80
N MET A 897 1.59 -9.93 -4.36
CA MET A 897 1.26 -10.72 -5.53
C MET A 897 1.58 -12.19 -5.38
N PRO A 898 0.90 -13.04 -6.17
CA PRO A 898 1.08 -14.49 -6.09
C PRO A 898 2.55 -14.84 -6.22
N GLN A 899 2.97 -15.96 -5.62
CA GLN A 899 4.36 -16.39 -5.62
C GLN A 899 5.02 -16.13 -6.98
N LEU A 900 6.18 -15.47 -6.91
CA LEU A 900 6.82 -14.92 -8.09
C LEU A 900 8.28 -15.35 -8.19
N THR A 901 9.03 -14.65 -9.03
CA THR A 901 10.45 -14.95 -9.18
C THR A 901 11.23 -13.89 -8.45
N SER A 902 11.78 -14.29 -7.31
CA SER A 902 12.65 -13.46 -6.49
C SER A 902 13.98 -13.29 -7.26
N LYS A 903 13.77 -13.15 -8.57
CA LYS A 903 14.70 -12.59 -9.55
C LYS A 903 14.04 -11.78 -10.69
N GLU A 904 13.35 -12.49 -11.58
CA GLU A 904 13.11 -12.01 -12.93
C GLU A 904 12.30 -10.74 -13.14
N ASP A 905 11.20 -10.60 -12.43
CA ASP A 905 10.34 -9.43 -12.53
C ASP A 905 10.93 -8.14 -11.96
N ILE A 906 11.62 -8.34 -10.85
CA ILE A 906 12.32 -7.26 -10.23
C ILE A 906 13.32 -6.89 -11.26
N GLU A 907 13.87 -7.87 -11.93
CA GLU A 907 14.86 -7.61 -12.97
C GLU A 907 14.29 -6.77 -14.10
N TYR A 908 13.04 -7.03 -14.48
CA TYR A 908 12.38 -6.21 -15.47
C TYR A 908 12.32 -4.76 -15.07
N ILE A 909 12.11 -4.45 -13.81
CA ILE A 909 12.14 -3.00 -13.49
C ILE A 909 13.48 -2.26 -13.76
N ARG A 910 14.58 -2.92 -13.50
CA ARG A 910 15.99 -2.51 -13.70
C ARG A 910 16.09 -2.02 -15.14
N ASP A 911 15.66 -2.89 -16.05
CA ASP A 911 15.65 -2.61 -17.47
C ASP A 911 14.76 -1.44 -17.86
N ALA A 912 13.52 -1.43 -17.33
CA ALA A 912 12.56 -0.39 -17.67
C ALA A 912 13.02 1.01 -17.34
N LEU A 913 13.69 1.18 -16.19
CA LEU A 913 14.18 2.49 -15.80
C LEU A 913 15.59 2.68 -16.28
N THR A 914 15.99 1.71 -17.08
CA THR A 914 17.30 1.70 -17.69
C THR A 914 18.45 2.09 -16.77
N VAL A 915 18.54 1.37 -15.68
CA VAL A 915 19.56 1.51 -14.65
C VAL A 915 20.88 1.39 -15.42
N GLY A 916 21.86 2.17 -14.99
CA GLY A 916 23.20 2.36 -15.54
C GLY A 916 23.35 2.98 -16.92
N LYS A 917 22.30 3.63 -17.40
CA LYS A 917 22.43 4.33 -18.66
C LYS A 917 22.48 5.86 -18.36
N ASN A 918 23.07 6.58 -19.30
CA ASN A 918 23.17 8.04 -19.32
C ASN A 918 21.78 8.55 -19.67
N GLU A 919 21.47 9.80 -19.31
CA GLU A 919 20.18 10.40 -19.61
C GLU A 919 19.83 10.36 -21.12
N GLU A 920 20.83 10.53 -22.01
CA GLU A 920 20.55 10.51 -23.46
C GLU A 920 19.98 9.18 -23.97
N ASP A 921 20.64 8.04 -23.68
CA ASP A 921 20.08 6.75 -24.11
C ASP A 921 18.68 6.59 -23.61
N ALA A 922 18.44 6.88 -22.35
CA ALA A 922 17.11 6.74 -21.82
C ALA A 922 16.06 7.54 -22.59
N LYS A 923 16.34 8.81 -22.90
CA LYS A 923 15.39 9.62 -23.64
C LYS A 923 15.02 8.78 -24.95
N LYS A 924 16.02 8.26 -25.68
CA LYS A 924 15.77 7.47 -26.91
C LYS A 924 15.11 6.13 -26.65
N TYR A 925 15.53 5.44 -25.59
CA TYR A 925 14.96 4.14 -25.26
C TYR A 925 13.46 4.35 -25.19
N PHE A 926 13.02 5.41 -24.50
CA PHE A 926 11.58 5.63 -24.33
C PHE A 926 10.95 6.07 -25.68
N LEU A 927 11.66 6.89 -26.43
CA LEU A 927 11.19 7.29 -27.77
C LEU A 927 11.04 6.09 -28.69
N ASP A 928 11.90 5.07 -28.52
CA ASP A 928 11.77 3.84 -29.29
C ASP A 928 10.48 3.14 -28.96
N GLN A 929 10.22 3.07 -27.65
CA GLN A 929 9.00 2.50 -27.09
C GLN A 929 7.75 3.21 -27.62
N ILE A 930 7.78 4.54 -27.75
CA ILE A 930 6.61 5.24 -28.32
C ILE A 930 6.44 4.65 -29.74
N GLU A 931 7.52 4.57 -30.54
CA GLU A 931 7.45 4.01 -31.89
C GLU A 931 7.02 2.55 -31.99
N VAL A 932 7.25 1.77 -30.95
CA VAL A 932 6.81 0.39 -31.00
C VAL A 932 5.27 0.40 -30.97
N CYS A 933 4.70 1.37 -30.27
CA CYS A 933 3.24 1.49 -30.19
C CYS A 933 2.62 1.90 -31.55
N ARG A 934 3.37 2.72 -32.28
CA ARG A 934 3.00 3.20 -33.61
C ARG A 934 3.15 2.11 -34.67
N ASP A 935 4.18 1.28 -34.51
CA ASP A 935 4.44 0.23 -35.47
C ASP A 935 3.44 -0.95 -35.33
N LYS A 936 2.87 -1.08 -34.13
CA LYS A 936 1.91 -2.15 -33.82
C LYS A 936 0.48 -1.75 -34.08
N GLY A 937 0.19 -0.47 -33.88
CA GLY A 937 -1.16 0.02 -34.10
C GLY A 937 -2.20 -0.69 -33.27
N TRP A 938 -3.12 -1.34 -33.98
CA TRP A 938 -4.20 -2.07 -33.37
C TRP A 938 -3.91 -3.53 -33.18
N THR A 939 -2.76 -3.98 -33.64
CA THR A 939 -2.45 -5.40 -33.61
C THR A 939 -2.69 -6.10 -32.28
N VAL A 940 -2.02 -5.60 -31.25
CA VAL A 940 -2.11 -6.18 -29.93
C VAL A 940 -3.53 -5.97 -29.37
N GLN A 941 -4.07 -4.78 -29.67
CA GLN A 941 -5.41 -4.42 -29.26
C GLN A 941 -6.45 -5.33 -29.90
N PHE A 942 -6.35 -5.49 -31.20
CA PHE A 942 -7.23 -6.39 -31.98
C PHE A 942 -7.17 -7.84 -31.47
N ASN A 943 -5.98 -8.29 -31.06
CA ASN A 943 -5.75 -9.63 -30.50
C ASN A 943 -6.49 -9.91 -29.22
N TRP A 944 -6.64 -8.84 -28.44
CA TRP A 944 -7.18 -8.95 -27.14
C TRP A 944 -8.49 -9.12 -27.82
N PHE A 945 -8.63 -10.36 -28.22
CA PHE A 945 -9.85 -10.91 -28.79
C PHE A 945 -10.87 -11.13 -27.70
C1 1JV B . -23.20 7.51 -14.38
C2 1JV B . -21.70 7.86 -14.40
C3 1JV B . -21.12 7.52 -13.02
O4 1JV B . -21.58 9.28 -14.50
C5 1JV B . -20.96 7.22 -15.61
N6 1JV B . -20.35 5.88 -15.46
C7 1JV B . -19.23 5.60 -14.78
C8 1JV B . -18.97 4.27 -14.86
C9 1JV B . -19.97 3.72 -15.70
N10 1JV B . -20.79 4.69 -16.06
C11 1JV B . -17.79 3.61 -14.23
C12 1JV B . -17.48 2.25 -14.43
C13 1JV B . -16.37 1.69 -13.82
C14 1JV B . -15.54 2.42 -12.98
C15 1JV B . -15.84 3.78 -12.79
O16 1JV B . -15.03 4.52 -12.01
C17 1JV B . -13.73 4.68 -12.52
C18 1JV B . -12.85 3.79 -11.67
C19 1JV B . -13.16 2.34 -11.89
C20 1JV B . -14.30 1.74 -12.41
N21 1JV B . -14.15 0.43 -12.44
C22 1JV B . -13.06 -0.11 -11.98
S23 1JV B . -12.01 1.13 -11.42
C24 1JV B . -12.73 -1.53 -11.91
N25 1JV B . -11.68 -2.04 -11.29
C26 1JV B . -11.70 -3.37 -11.42
N27 1JV B . -12.72 -3.72 -12.15
N28 1JV B . -13.42 -2.54 -12.49
C29 1JV B . -14.63 -2.43 -13.30
C30 1JV B . -15.79 -3.09 -12.57
F31 1JV B . -16.13 -2.31 -11.45
F32 1JV B . -16.83 -3.17 -13.50
F33 1JV B . -15.40 -4.39 -12.20
C34 1JV B . -16.94 4.35 -13.40
#